data_8ID7
#
_entry.id   8ID7
#
_cell.length_a   116.480
_cell.length_b   207.170
_cell.length_c   208.050
_cell.angle_alpha   90.00
_cell.angle_beta   90.00
_cell.angle_gamma   90.00
#
_symmetry.space_group_name_H-M   'F 2 2 2'
#
loop_
_entity.id
_entity.type
_entity.pdbx_description
1 polymer 'Probable dehydratase YbiW'
2 non-polymer 1,5-anhydro-6-O-phosphono-D-glucitol
3 water water
#
_entity_poly.entity_id   1
_entity_poly.type   'polypeptide(L)'
_entity_poly.pdbx_seq_one_letter_code
;MTTLKLDTLSDRIKAHKNALVHIVKPPVCTERAQHYTEMYQQHLDKPIPVRRALALAHHLANRTIWIKHDELIIGNQASE
VRAAPIFPEYTVSWIEKEIDDLADRPGAGFAVSAANARVLHEVCPWWRGQTVQDRCYGMFTDEQKGLLATGIIKAEGNMT
SGDAHLAVNFPLLLEKGLDGLREEVAERRSRINLTVLEDLHGEQFLKAIDIVLVAVSEHIERFAALAREMAATETRESRR
DELLAMAENCDLIAHQPPQTFWQALQLCYFIQLILQIESNGHSVSFGRMDQYLYPYYRRDVELNQTLDREHAIEMLHSCW
LKLLEVNKIRSGSHSKASAGSPLYQNVTIGGQNLVDGQPMDAVNPLSYAILESCGRLRSTQPNLSVRYHAGMSNDFLDAC
VQVIRCGFGMPAFNNDEIVIPEFIKLGIEPQDAYDYAAIGCIETAVGGKWGYRCTGMSFINFARVMLAALEGGHDATSGK
VFLPQEKALSAGNFNNFDEVMDAWDTQIRYYTRKSIEIEYVVDTMLEENVHDILCSALVDDCIERAKSIKQGGAKYDWVS
GLQVGIANLGNSLAAVKKLVFEQGAIGQQQLAAALADDFDGLTHEQLRQRLINGAPKYGNDDDTVDTLLARAYQTYIDEL
KQYHNPRYGRGPVGGNYYAGTSSISANVPFGAQTMATPDGRKAHTPLAEGASPASGTDHLGPTAVIGSVGKLPTAAILGG
VLLNQKLNPATLENESDKQKLMILLRTFFEVHKGWHIQYNIVSRETLLDAKKHPDQYRDLVVRVAGYSAFFTALSPDAQD
DIIARTEHML
;
_entity_poly.pdbx_strand_id   A
#
# COMPACT_ATOMS: atom_id res chain seq x y z
N THR A 3 1.44 -18.44 25.60
CA THR A 3 0.75 -17.82 26.73
C THR A 3 0.03 -16.53 26.30
N LEU A 4 -0.78 -16.61 25.24
CA LEU A 4 -1.35 -15.42 24.61
C LEU A 4 -2.64 -15.01 25.30
N LYS A 5 -2.62 -13.84 25.94
CA LYS A 5 -3.81 -13.26 26.56
C LYS A 5 -4.34 -12.17 25.63
N LEU A 6 -5.10 -12.59 24.63
CA LEU A 6 -5.53 -11.71 23.54
C LEU A 6 -6.83 -10.97 23.85
N ASP A 7 -7.38 -11.11 25.06
CA ASP A 7 -8.68 -10.52 25.40
C ASP A 7 -8.54 -9.72 26.70
N THR A 8 -8.00 -8.51 26.58
CA THR A 8 -7.91 -7.59 27.70
C THR A 8 -7.19 -6.32 27.27
N LEU A 9 -7.91 -5.21 27.20
CA LEU A 9 -7.26 -3.95 26.86
C LEU A 9 -6.87 -3.21 28.14
N SER A 10 -7.16 -1.91 28.17
CA SER A 10 -7.10 -1.12 29.39
C SER A 10 -8.04 0.06 29.20
N ASP A 11 -8.60 0.56 30.31
CA ASP A 11 -9.51 1.69 30.23
C ASP A 11 -8.88 2.85 29.47
N ARG A 12 -7.57 3.05 29.64
CA ARG A 12 -6.85 4.09 28.91
C ARG A 12 -6.99 3.90 27.41
N ILE A 13 -6.66 2.69 26.92
CA ILE A 13 -6.61 2.44 25.48
C ILE A 13 -7.99 2.17 24.91
N LYS A 14 -8.88 1.55 25.69
CA LYS A 14 -10.28 1.44 25.26
C LYS A 14 -10.90 2.81 25.10
N ALA A 15 -10.57 3.72 26.01
CA ALA A 15 -11.03 5.11 25.92
C ALA A 15 -10.67 5.70 24.57
N HIS A 16 -9.40 5.56 24.16
CA HIS A 16 -8.93 6.15 22.90
C HIS A 16 -9.55 5.47 21.69
N LYS A 17 -9.34 4.15 21.57
CA LYS A 17 -9.77 3.44 20.35
C LYS A 17 -11.22 3.77 20.00
N ASN A 18 -12.11 3.82 21.00
CA ASN A 18 -13.49 4.13 20.70
C ASN A 18 -13.64 5.58 20.23
N ALA A 19 -13.05 6.51 20.98
CA ALA A 19 -13.05 7.91 20.58
C ALA A 19 -12.82 8.01 19.08
N LEU A 20 -11.87 7.21 18.59
CA LEU A 20 -11.44 7.32 17.20
C LEU A 20 -12.41 6.64 16.24
N VAL A 21 -12.88 5.43 16.56
CA VAL A 21 -13.71 4.70 15.60
C VAL A 21 -15.04 5.39 15.38
N HIS A 22 -15.43 6.31 16.26
CA HIS A 22 -16.65 7.09 16.06
C HIS A 22 -16.42 8.36 15.27
N ILE A 23 -15.17 8.71 14.95
CA ILE A 23 -14.91 9.84 14.06
C ILE A 23 -15.34 9.44 12.66
N VAL A 24 -16.66 9.49 12.39
CA VAL A 24 -17.19 8.80 11.22
C VAL A 24 -17.33 9.65 9.97
N LYS A 25 -17.25 10.98 10.08
CA LYS A 25 -17.06 11.83 8.89
C LYS A 25 -15.94 12.81 9.21
N PRO A 26 -14.72 12.52 8.79
CA PRO A 26 -13.55 13.30 9.25
C PRO A 26 -13.52 14.69 8.63
N PRO A 27 -12.84 15.63 9.29
CA PRO A 27 -12.78 16.99 8.77
C PRO A 27 -11.55 17.21 7.89
N VAL A 28 -11.34 18.43 7.39
CA VAL A 28 -10.22 18.70 6.50
C VAL A 28 -9.35 19.85 7.00
N CYS A 29 -8.48 19.58 7.98
CA CYS A 29 -7.45 20.53 8.40
C CYS A 29 -6.72 21.11 7.19
N THR A 30 -6.75 22.45 7.05
CA THR A 30 -6.18 23.09 5.86
C THR A 30 -4.91 23.88 6.14
N GLU A 31 -4.33 23.74 7.33
CA GLU A 31 -3.16 24.53 7.66
C GLU A 31 -2.07 24.37 6.59
N ARG A 32 -1.68 23.13 6.30
CA ARG A 32 -0.48 22.90 5.51
C ARG A 32 -0.59 23.48 4.10
N ALA A 33 -1.77 23.40 3.50
CA ALA A 33 -1.92 24.07 2.20
C ALA A 33 -1.93 25.59 2.35
N GLN A 34 -2.22 26.10 3.53
CA GLN A 34 -2.05 27.53 3.72
C GLN A 34 -0.57 27.87 3.70
N HIS A 35 0.19 27.34 4.66
CA HIS A 35 1.60 27.70 4.73
C HIS A 35 2.30 27.42 3.41
N TYR A 36 2.24 26.18 2.92
CA TYR A 36 3.03 25.83 1.75
C TYR A 36 2.81 26.81 0.59
N THR A 37 1.61 27.38 0.46
CA THR A 37 1.46 28.43 -0.55
C THR A 37 2.28 29.67 -0.19
N GLU A 38 2.22 30.10 1.07
CA GLU A 38 3.05 31.21 1.54
C GLU A 38 4.51 31.02 1.13
N MET A 39 5.12 29.94 1.61
CA MET A 39 6.54 29.69 1.37
C MET A 39 6.85 29.57 -0.11
N TYR A 40 5.94 28.94 -0.89
CA TYR A 40 6.11 28.94 -2.34
C TYR A 40 5.95 30.35 -2.91
N GLN A 41 5.33 31.26 -2.16
CA GLN A 41 5.15 32.62 -2.63
C GLN A 41 6.23 33.56 -2.13
N GLN A 42 6.86 33.21 -1.00
CA GLN A 42 7.94 33.96 -0.39
C GLN A 42 9.30 33.54 -0.90
N HIS A 43 9.44 32.28 -1.31
CA HIS A 43 10.71 31.72 -1.75
C HIS A 43 10.65 31.21 -3.17
N LEU A 44 9.86 31.87 -4.03
CA LEU A 44 9.78 31.49 -5.43
C LEU A 44 11.16 31.44 -6.07
N ASP A 45 12.11 32.24 -5.57
CA ASP A 45 13.46 32.34 -6.10
C ASP A 45 14.35 31.18 -5.68
N LYS A 46 13.88 30.29 -4.74
CA LYS A 46 14.84 29.25 -4.37
C LYS A 46 14.72 28.04 -5.29
N PRO A 47 15.81 27.30 -5.42
CA PRO A 47 15.69 25.93 -5.95
C PRO A 47 14.58 25.19 -5.21
N ILE A 48 13.88 24.33 -5.95
CA ILE A 48 12.73 23.66 -5.36
C ILE A 48 13.13 22.87 -4.13
N PRO A 49 14.24 22.14 -4.07
CA PRO A 49 14.56 21.44 -2.81
C PRO A 49 14.63 22.36 -1.61
N VAL A 50 15.11 23.60 -1.77
CA VAL A 50 15.21 24.46 -0.60
C VAL A 50 13.88 25.11 -0.31
N ARG A 51 13.20 25.59 -1.35
CA ARG A 51 11.86 26.14 -1.16
C ARG A 51 10.96 25.17 -0.39
N ARG A 52 10.99 23.89 -0.77
CA ARG A 52 10.18 22.90 -0.09
C ARG A 52 10.67 22.66 1.33
N ALA A 53 11.98 22.67 1.54
CA ALA A 53 12.47 22.53 2.91
C ALA A 53 11.98 23.67 3.79
N LEU A 54 11.82 24.88 3.24
CA LEU A 54 11.35 26.00 4.03
C LEU A 54 9.87 25.84 4.35
N ALA A 55 9.04 25.68 3.30
CA ALA A 55 7.62 25.34 3.45
C ALA A 55 7.41 24.41 4.62
N LEU A 56 8.18 23.31 4.67
CA LEU A 56 7.99 22.35 5.74
C LEU A 56 8.42 22.91 7.08
N ALA A 57 9.57 23.59 7.15
CA ALA A 57 10.02 24.13 8.45
C ALA A 57 9.09 25.23 8.95
N HIS A 58 8.54 26.04 8.04
CA HIS A 58 7.48 26.97 8.38
C HIS A 58 6.25 26.25 8.97
N HIS A 59 5.54 25.50 8.11
CA HIS A 59 4.35 24.78 8.57
C HIS A 59 4.61 24.05 9.87
N LEU A 60 5.81 23.48 10.03
CA LEU A 60 6.06 22.64 11.18
C LEU A 60 5.98 23.42 12.49
N ALA A 61 6.34 24.71 12.48
CA ALA A 61 6.32 25.48 13.72
C ALA A 61 5.31 26.63 13.69
N ASN A 62 4.21 26.49 12.94
CA ASN A 62 3.10 27.44 12.96
C ASN A 62 1.73 26.76 12.98
N ARG A 63 1.68 25.47 13.30
CA ARG A 63 0.45 24.70 13.20
C ARG A 63 0.00 24.23 14.57
N THR A 64 -1.30 24.02 14.70
CA THR A 64 -1.83 23.60 15.98
C THR A 64 -1.27 22.24 16.35
N ILE A 65 -0.80 22.11 17.57
CA ILE A 65 -0.38 20.83 18.11
C ILE A 65 -0.97 20.66 19.51
N TRP A 66 -1.34 19.42 19.83
CA TRP A 66 -2.06 19.13 21.07
C TRP A 66 -1.67 17.75 21.56
N ILE A 67 -2.23 17.37 22.72
CA ILE A 67 -1.97 16.08 23.35
C ILE A 67 -3.25 15.60 24.03
N LYS A 68 -4.12 14.90 23.29
CA LYS A 68 -5.40 14.51 23.84
C LYS A 68 -5.34 13.09 24.38
N HIS A 69 -6.47 12.59 24.89
CA HIS A 69 -6.68 11.17 25.14
C HIS A 69 -5.67 10.55 26.12
N ASP A 70 -4.87 11.39 26.77
CA ASP A 70 -3.89 10.88 27.73
C ASP A 70 -3.00 9.83 27.07
N GLU A 71 -2.40 10.24 25.97
CA GLU A 71 -1.56 9.37 25.15
C GLU A 71 -0.23 9.10 25.84
N LEU A 72 0.32 7.92 25.60
CA LEU A 72 1.72 7.62 25.89
C LEU A 72 2.63 7.88 24.70
N ILE A 73 2.07 8.33 23.57
CA ILE A 73 2.82 8.74 22.40
C ILE A 73 2.14 9.99 21.83
N ILE A 74 2.96 10.96 21.40
CA ILE A 74 2.48 12.32 21.14
C ILE A 74 2.98 12.81 19.79
N GLY A 75 2.14 13.56 19.08
CA GLY A 75 2.51 14.10 17.79
C GLY A 75 1.40 13.94 16.75
N ASN A 76 0.71 15.03 16.45
CA ASN A 76 -0.51 15.02 15.67
C ASN A 76 -0.25 15.36 14.21
N GLN A 77 -1.01 14.76 13.31
CA GLN A 77 -0.85 15.04 11.88
C GLN A 77 -1.62 16.28 11.43
N ALA A 78 -2.33 16.95 12.34
CA ALA A 78 -3.29 17.94 11.87
C ALA A 78 -3.95 18.64 13.04
N SER A 79 -4.58 19.78 12.75
CA SER A 79 -5.21 20.57 13.79
C SER A 79 -6.29 19.76 14.52
N GLU A 80 -7.24 19.22 13.76
CA GLU A 80 -8.38 18.49 14.30
C GLU A 80 -8.09 17.00 14.29
N VAL A 81 -8.74 16.27 15.21
CA VAL A 81 -8.53 14.82 15.30
C VAL A 81 -8.88 14.15 13.97
N ARG A 82 -8.10 13.12 13.62
CA ARG A 82 -8.31 12.31 12.41
C ARG A 82 -8.61 13.14 11.18
N ALA A 83 -8.15 14.38 11.13
CA ALA A 83 -8.44 15.22 9.98
C ALA A 83 -7.40 14.98 8.88
N ALA A 84 -7.79 15.29 7.65
CA ALA A 84 -6.94 14.98 6.51
C ALA A 84 -6.35 16.26 5.94
N PRO A 85 -5.03 16.45 6.04
CA PRO A 85 -4.43 17.68 5.51
C PRO A 85 -4.70 17.82 4.02
N ILE A 86 -4.29 18.95 3.48
CA ILE A 86 -4.41 19.23 2.06
C ILE A 86 -3.03 19.53 1.49
N PHE A 87 -2.66 18.82 0.44
CA PHE A 87 -1.36 18.98 -0.19
C PHE A 87 -1.59 19.45 -1.62
N PRO A 88 -1.44 20.75 -1.92
CA PRO A 88 -1.79 21.25 -3.26
C PRO A 88 -0.72 21.07 -4.30
N GLU A 89 0.50 20.70 -3.91
CA GLU A 89 1.56 20.63 -4.90
C GLU A 89 1.30 19.55 -5.94
N TYR A 90 0.74 18.40 -5.53
CA TYR A 90 0.51 17.30 -6.46
C TYR A 90 -0.69 17.57 -7.37
N THR A 91 -1.80 18.05 -6.82
CA THR A 91 -2.91 18.39 -7.70
C THR A 91 -3.83 19.37 -6.99
N VAL A 92 -4.55 20.16 -7.79
CA VAL A 92 -5.75 20.84 -7.32
C VAL A 92 -7.00 20.43 -8.11
N SER A 93 -6.85 19.77 -9.27
CA SER A 93 -7.95 19.64 -10.22
C SER A 93 -9.15 18.93 -9.62
N TRP A 94 -8.95 17.81 -8.90
CA TRP A 94 -10.10 17.14 -8.32
C TRP A 94 -10.67 17.93 -7.16
N ILE A 95 -9.92 18.87 -6.62
CA ILE A 95 -10.44 19.69 -5.53
C ILE A 95 -11.29 20.86 -6.05
N GLU A 96 -10.97 21.40 -7.23
CA GLU A 96 -11.77 22.45 -7.85
C GLU A 96 -12.98 21.90 -8.60
N LYS A 97 -13.29 20.62 -8.42
CA LYS A 97 -14.48 20.01 -8.98
C LYS A 97 -15.42 19.45 -7.92
N GLU A 98 -14.96 19.24 -6.69
CA GLU A 98 -15.59 18.31 -5.78
C GLU A 98 -15.73 18.84 -4.34
N ILE A 99 -15.48 20.12 -4.10
CA ILE A 99 -15.42 20.56 -2.69
C ILE A 99 -16.82 20.77 -2.12
N ASP A 100 -17.80 21.14 -2.95
CA ASP A 100 -19.18 21.13 -2.48
C ASP A 100 -19.63 19.70 -2.20
N ASP A 101 -19.24 18.76 -3.04
CA ASP A 101 -19.81 17.41 -3.06
C ASP A 101 -18.87 16.47 -2.30
N LEU A 102 -18.80 16.67 -0.98
CA LEU A 102 -17.82 15.91 -0.19
C LEU A 102 -18.32 15.31 1.11
N ALA A 103 -19.40 15.78 1.73
CA ALA A 103 -19.87 15.09 2.92
C ALA A 103 -20.68 13.85 2.58
N ASP A 104 -21.14 13.75 1.34
CA ASP A 104 -21.95 12.63 0.87
C ASP A 104 -21.26 12.10 -0.37
N ARG A 105 -20.33 11.16 -0.16
CA ARG A 105 -19.52 10.50 -1.16
C ARG A 105 -19.44 9.03 -0.78
N PRO A 106 -19.99 8.11 -1.57
CA PRO A 106 -20.19 6.73 -1.10
C PRO A 106 -18.96 6.08 -0.49
N GLY A 107 -18.63 6.39 0.76
CA GLY A 107 -17.53 5.75 1.46
C GLY A 107 -16.20 6.47 1.41
N ALA A 108 -16.18 7.76 1.10
CA ALA A 108 -15.01 8.63 1.22
C ALA A 108 -15.52 10.04 1.47
N GLY A 109 -16.23 10.20 2.58
CA GLY A 109 -16.89 11.44 2.92
C GLY A 109 -16.08 12.21 3.93
N PHE A 110 -15.91 13.50 3.67
CA PHE A 110 -15.11 14.38 4.51
C PHE A 110 -15.95 15.60 4.85
N ALA A 111 -16.19 15.80 6.15
CA ALA A 111 -16.78 17.03 6.66
C ALA A 111 -15.86 18.21 6.35
N VAL A 112 -16.29 19.12 5.48
CA VAL A 112 -15.45 20.18 4.91
C VAL A 112 -16.00 21.51 5.38
N SER A 113 -15.47 22.03 6.49
CA SER A 113 -16.14 23.13 7.17
C SER A 113 -16.19 24.38 6.30
N ALA A 114 -17.34 25.06 6.32
CA ALA A 114 -17.50 26.33 5.62
C ALA A 114 -16.31 27.25 5.86
N ALA A 115 -15.70 27.15 7.04
CA ALA A 115 -14.55 27.98 7.37
C ALA A 115 -13.30 27.54 6.60
N ASN A 116 -12.98 26.23 6.64
CA ASN A 116 -11.83 25.69 5.92
C ASN A 116 -12.07 25.58 4.43
N ALA A 117 -13.34 25.63 3.99
CA ALA A 117 -13.62 25.78 2.56
C ALA A 117 -13.24 27.17 2.06
N ARG A 118 -13.35 28.19 2.91
CA ARG A 118 -12.91 29.53 2.54
C ARG A 118 -11.42 29.54 2.20
N VAL A 119 -10.61 28.85 3.02
CA VAL A 119 -9.16 28.78 2.83
C VAL A 119 -8.79 28.08 1.52
N LEU A 120 -9.70 27.29 0.95
CA LEU A 120 -9.41 26.51 -0.26
C LEU A 120 -9.62 27.33 -1.53
N HIS A 121 -10.75 28.01 -1.65
CA HIS A 121 -10.94 28.89 -2.81
C HIS A 121 -9.83 29.92 -2.91
N GLU A 122 -9.21 30.27 -1.76
CA GLU A 122 -8.16 31.29 -1.72
C GLU A 122 -6.85 30.79 -2.34
N VAL A 123 -6.36 29.65 -1.88
CA VAL A 123 -5.10 29.09 -2.37
C VAL A 123 -5.23 28.63 -3.81
N CYS A 124 -6.03 27.60 -4.04
CA CYS A 124 -6.11 26.79 -5.24
C CYS A 124 -5.71 27.45 -6.56
N PRO A 125 -6.31 28.57 -6.96
CA PRO A 125 -6.14 29.03 -8.35
C PRO A 125 -4.71 29.41 -8.68
N TRP A 126 -3.82 29.48 -7.68
CA TRP A 126 -2.42 29.84 -7.88
C TRP A 126 -1.60 28.64 -8.25
N TRP A 127 -1.92 27.49 -7.67
CA TRP A 127 -1.25 26.25 -8.00
C TRP A 127 -1.62 25.74 -9.39
N ARG A 128 -2.76 26.19 -9.93
CA ARG A 128 -3.15 25.79 -11.28
C ARG A 128 -1.99 26.02 -12.23
N GLY A 129 -1.73 25.03 -13.10
CA GLY A 129 -0.66 25.11 -14.07
C GLY A 129 0.71 24.67 -13.58
N GLN A 130 0.95 24.63 -12.26
CA GLN A 130 2.27 24.28 -11.73
C GLN A 130 2.26 23.07 -10.81
N THR A 131 1.22 22.23 -10.88
CA THR A 131 1.20 20.98 -10.13
C THR A 131 1.66 19.80 -10.99
N VAL A 132 2.18 18.77 -10.31
CA VAL A 132 2.60 17.51 -10.91
C VAL A 132 1.57 17.06 -11.94
N GLN A 133 0.31 16.92 -11.52
CA GLN A 133 -0.74 16.49 -12.45
C GLN A 133 -0.86 17.47 -13.63
N ASP A 134 -0.98 18.77 -13.33
CA ASP A 134 -1.13 19.76 -14.40
C ASP A 134 0.01 19.65 -15.41
N ARG A 135 1.21 19.34 -14.92
CA ARG A 135 2.38 19.35 -15.78
C ARG A 135 2.49 18.05 -16.56
N CYS A 136 2.24 16.92 -15.92
CA CYS A 136 2.11 15.70 -16.68
C CYS A 136 1.27 15.95 -17.94
N TYR A 137 0.10 16.59 -17.79
CA TYR A 137 -0.71 16.92 -18.95
C TYR A 137 -0.07 17.99 -19.85
N GLY A 138 0.86 18.77 -19.32
CA GLY A 138 1.64 19.64 -20.18
C GLY A 138 2.61 18.93 -21.09
N MET A 139 2.92 17.65 -20.79
CA MET A 139 3.86 16.83 -21.55
C MET A 139 3.19 15.75 -22.37
N PHE A 140 2.26 14.99 -21.79
CA PHE A 140 1.72 13.80 -22.42
C PHE A 140 1.52 14.00 -23.91
N THR A 141 1.95 13.02 -24.69
CA THR A 141 1.58 12.98 -26.10
C THR A 141 0.08 12.78 -26.24
N ASP A 142 -0.48 13.34 -27.30
CA ASP A 142 -1.92 13.22 -27.53
C ASP A 142 -2.41 11.78 -27.40
N GLU A 143 -1.71 10.84 -28.04
CA GLU A 143 -2.08 9.44 -27.91
C GLU A 143 -2.02 8.97 -26.46
N GLN A 144 -0.97 9.35 -25.73
CA GLN A 144 -0.93 9.03 -24.31
C GLN A 144 -2.18 9.52 -23.60
N LYS A 145 -2.69 10.69 -24.03
CA LYS A 145 -3.80 11.35 -23.34
C LYS A 145 -5.12 10.63 -23.53
N GLY A 146 -5.29 9.95 -24.67
CA GLY A 146 -6.49 9.15 -24.88
C GLY A 146 -6.45 7.85 -24.10
N LEU A 147 -5.31 7.17 -24.12
CA LEU A 147 -5.22 5.94 -23.34
C LEU A 147 -5.55 6.22 -21.89
N LEU A 148 -5.34 7.46 -21.43
CA LEU A 148 -5.62 7.82 -20.05
C LEU A 148 -7.10 8.15 -19.85
N ALA A 149 -7.70 8.85 -20.80
CA ALA A 149 -9.11 9.20 -20.67
C ALA A 149 -9.96 7.95 -20.56
N THR A 150 -9.61 6.91 -21.32
CA THR A 150 -10.41 5.70 -21.34
C THR A 150 -10.35 4.98 -20.00
N GLY A 151 -9.17 4.92 -19.38
CA GLY A 151 -8.98 4.13 -18.18
C GLY A 151 -8.26 2.81 -18.38
N ILE A 152 -8.05 2.37 -19.64
CA ILE A 152 -7.27 1.16 -19.91
C ILE A 152 -5.95 1.17 -19.14
N ILE A 153 -5.28 2.31 -19.11
CA ILE A 153 -4.12 2.51 -18.26
C ILE A 153 -4.46 3.67 -17.36
N LYS A 154 -4.27 3.47 -16.08
CA LYS A 154 -4.61 4.46 -15.07
C LYS A 154 -3.38 4.73 -14.24
N ALA A 155 -3.23 5.96 -13.81
CA ALA A 155 -2.09 6.32 -12.98
C ALA A 155 -2.43 7.54 -12.16
N GLU A 156 -3.69 7.66 -11.73
CA GLU A 156 -4.10 8.81 -10.94
C GLU A 156 -3.28 8.91 -9.66
N GLY A 157 -3.00 7.78 -9.02
CA GLY A 157 -2.34 7.79 -7.73
C GLY A 157 -0.96 8.41 -7.72
N ASN A 158 -0.21 8.28 -8.82
CA ASN A 158 1.11 8.89 -8.91
C ASN A 158 1.02 10.37 -9.26
N MET A 159 -0.01 10.76 -10.00
CA MET A 159 -0.21 12.12 -10.43
C MET A 159 -0.87 13.00 -9.39
N THR A 160 -1.38 12.45 -8.30
CA THR A 160 -2.06 13.26 -7.29
C THR A 160 -1.54 12.96 -5.88
N SER A 161 -0.38 12.34 -5.77
CA SER A 161 0.19 12.03 -4.46
C SER A 161 1.70 11.88 -4.57
N GLY A 162 2.36 12.09 -3.44
CA GLY A 162 3.76 11.78 -3.34
C GLY A 162 3.95 10.30 -3.58
N ASP A 163 5.19 9.85 -3.42
CA ASP A 163 5.52 8.47 -3.77
C ASP A 163 5.44 7.56 -2.55
N ALA A 164 6.29 7.79 -1.55
CA ALA A 164 6.27 6.98 -0.33
C ALA A 164 6.52 5.54 -0.74
N HIS A 165 5.73 4.58 -0.27
CA HIS A 165 5.86 3.17 -0.63
C HIS A 165 7.28 2.67 -0.34
N LEU A 166 7.68 2.84 0.91
CA LEU A 166 9.02 2.49 1.34
C LEU A 166 9.08 2.56 2.85
N ALA A 167 10.15 2.03 3.40
CA ALA A 167 10.49 2.26 4.79
C ALA A 167 11.86 2.93 4.83
N VAL A 168 12.00 3.96 5.66
CA VAL A 168 13.26 4.68 5.76
C VAL A 168 14.18 3.97 6.76
N ASN A 169 15.42 4.48 6.89
CA ASN A 169 16.47 3.75 7.59
C ASN A 169 16.40 4.05 9.09
N PHE A 170 15.49 3.37 9.76
CA PHE A 170 15.21 3.60 11.16
C PHE A 170 16.36 3.22 12.10
N PRO A 171 17.17 2.22 11.77
CA PRO A 171 18.36 1.98 12.60
C PRO A 171 19.31 3.16 12.60
N LEU A 172 19.51 3.77 11.44
CA LEU A 172 20.38 4.96 11.33
C LEU A 172 19.91 5.99 12.34
N LEU A 173 18.77 6.59 12.05
CA LEU A 173 18.08 7.48 12.99
C LEU A 173 18.31 7.10 14.47
N LEU A 174 18.23 5.81 14.80
CA LEU A 174 18.37 5.42 16.20
C LEU A 174 19.83 5.41 16.65
N GLU A 175 20.75 5.00 15.79
CA GLU A 175 22.15 4.91 16.20
C GLU A 175 22.81 6.28 16.29
N LYS A 176 22.40 7.23 15.47
CA LYS A 176 23.04 8.54 15.41
C LYS A 176 22.21 9.63 16.08
N GLY A 177 20.90 9.49 16.09
CA GLY A 177 20.07 10.61 16.51
C GLY A 177 20.15 11.73 15.51
N LEU A 178 19.28 12.72 15.65
CA LEU A 178 19.23 13.78 14.66
C LEU A 178 20.56 14.52 14.60
N ASP A 179 21.12 14.87 15.74
CA ASP A 179 22.35 15.63 15.72
C ASP A 179 23.45 14.92 14.92
N GLY A 180 23.54 13.60 15.07
CA GLY A 180 24.52 12.87 14.29
C GLY A 180 24.27 12.85 12.78
N LEU A 181 23.07 13.25 12.34
CA LEU A 181 22.75 13.42 10.92
C LEU A 181 23.15 14.80 10.43
N ARG A 182 22.93 15.84 11.24
CA ARG A 182 23.57 17.12 10.94
C ARG A 182 25.08 16.93 10.76
N GLU A 183 25.68 16.11 11.61
CA GLU A 183 27.11 15.82 11.46
C GLU A 183 27.38 15.07 10.17
N GLU A 184 26.52 14.10 9.82
CA GLU A 184 26.63 13.44 8.53
C GLU A 184 26.55 14.47 7.40
N VAL A 185 25.56 15.37 7.47
CA VAL A 185 25.35 16.34 6.42
C VAL A 185 26.51 17.32 6.36
N ALA A 186 27.05 17.68 7.53
CA ALA A 186 28.11 18.68 7.57
C ALA A 186 29.38 18.19 6.87
N GLU A 187 29.83 16.97 7.17
CA GLU A 187 31.01 16.48 6.47
C GLU A 187 30.76 16.41 4.98
N ARG A 188 29.50 16.22 4.58
CA ARG A 188 29.18 16.06 3.16
C ARG A 188 29.28 17.39 2.42
N ARG A 189 28.75 18.46 3.01
CA ARG A 189 28.91 19.74 2.35
C ARG A 189 30.30 20.29 2.55
N SER A 190 31.12 19.63 3.37
CA SER A 190 32.51 19.99 3.50
C SER A 190 33.30 19.63 2.25
N ARG A 191 32.84 18.65 1.49
CA ARG A 191 33.52 18.13 0.32
C ARG A 191 32.94 18.68 -0.97
N ILE A 192 32.07 19.67 -0.88
CA ILE A 192 31.43 20.28 -2.04
C ILE A 192 32.40 21.27 -2.68
N ASN A 193 32.43 21.31 -4.01
CA ASN A 193 33.23 22.29 -4.75
C ASN A 193 32.30 23.09 -5.64
N LEU A 194 32.23 24.40 -5.42
CA LEU A 194 31.24 25.20 -6.12
C LEU A 194 31.64 25.61 -7.53
N THR A 195 32.75 25.10 -8.09
CA THR A 195 33.03 25.34 -9.51
C THR A 195 32.87 24.06 -10.32
N VAL A 196 32.15 23.08 -9.76
CA VAL A 196 31.89 21.78 -10.36
C VAL A 196 30.38 21.67 -10.53
N LEU A 197 29.91 21.57 -11.77
CA LEU A 197 28.48 21.65 -11.99
C LEU A 197 27.73 20.77 -11.01
N GLU A 198 28.06 19.47 -10.99
CA GLU A 198 27.31 18.52 -10.18
C GLU A 198 27.32 18.88 -8.71
N ASP A 199 28.41 19.50 -8.22
CA ASP A 199 28.49 19.93 -6.83
C ASP A 199 27.59 21.15 -6.58
N LEU A 200 27.38 21.98 -7.60
CA LEU A 200 26.54 23.15 -7.41
C LEU A 200 25.11 22.76 -7.10
N HIS A 201 24.58 21.76 -7.82
CA HIS A 201 23.25 21.21 -7.54
C HIS A 201 23.24 20.36 -6.27
N GLY A 202 24.33 19.63 -6.03
CA GLY A 202 24.42 18.81 -4.85
C GLY A 202 24.26 19.60 -3.56
N GLU A 203 24.73 20.85 -3.54
CA GLU A 203 24.71 21.62 -2.30
C GLU A 203 23.34 22.23 -2.05
N GLN A 204 22.56 22.50 -3.10
CA GLN A 204 21.20 22.94 -2.84
C GLN A 204 20.43 21.84 -2.12
N PHE A 205 20.53 20.62 -2.62
CA PHE A 205 19.85 19.54 -1.93
C PHE A 205 20.41 19.31 -0.53
N LEU A 206 21.71 19.55 -0.31
CA LEU A 206 22.22 19.39 1.05
C LEU A 206 21.81 20.56 1.93
N LYS A 207 21.83 21.78 1.38
CA LYS A 207 21.26 22.91 2.10
C LYS A 207 19.86 22.57 2.60
N ALA A 208 19.05 22.01 1.70
CA ALA A 208 17.65 21.72 2.01
C ALA A 208 17.53 20.71 3.14
N ILE A 209 18.28 19.61 3.05
CA ILE A 209 18.25 18.58 4.07
C ILE A 209 18.47 19.19 5.45
N ASP A 210 19.41 20.14 5.57
CA ASP A 210 19.76 20.68 6.89
C ASP A 210 18.62 21.54 7.44
N ILE A 211 18.00 22.37 6.59
CA ILE A 211 16.81 23.10 7.00
C ILE A 211 15.78 22.16 7.63
N VAL A 212 15.53 21.02 6.98
CA VAL A 212 14.49 20.09 7.45
C VAL A 212 14.91 19.41 8.75
N LEU A 213 16.07 18.71 8.73
CA LEU A 213 16.66 18.17 9.95
C LEU A 213 16.52 19.16 11.10
N VAL A 214 16.86 20.43 10.86
CA VAL A 214 16.81 21.43 11.93
C VAL A 214 15.39 21.54 12.47
N ALA A 215 14.44 21.89 11.61
CA ALA A 215 13.06 22.12 12.01
C ALA A 215 12.48 20.91 12.74
N VAL A 216 12.97 19.72 12.46
CA VAL A 216 12.49 18.51 13.09
C VAL A 216 12.95 18.42 14.55
N SER A 217 14.24 18.64 14.80
CA SER A 217 14.71 18.82 16.17
C SER A 217 13.88 19.89 16.89
N GLU A 218 13.69 21.06 16.27
CA GLU A 218 12.87 22.11 16.88
C GLU A 218 11.49 21.60 17.22
N HIS A 219 10.87 20.86 16.30
CA HIS A 219 9.54 20.34 16.54
C HIS A 219 9.52 19.42 17.76
N ILE A 220 10.43 18.44 17.80
CA ILE A 220 10.44 17.51 18.92
C ILE A 220 10.53 18.27 20.24
N GLU A 221 11.16 19.45 20.22
CA GLU A 221 11.33 20.26 21.42
C GLU A 221 10.09 21.06 21.75
N ARG A 222 9.37 21.54 20.73
CA ARG A 222 8.07 22.16 20.89
C ARG A 222 6.94 21.14 21.20
N PHE A 223 7.29 19.86 21.41
CA PHE A 223 6.44 18.87 22.06
C PHE A 223 6.93 18.53 23.46
N ALA A 224 8.26 18.48 23.67
CA ALA A 224 8.78 18.61 25.03
C ALA A 224 8.24 19.87 25.70
N ALA A 225 7.94 20.92 24.91
CA ALA A 225 7.32 22.12 25.44
C ALA A 225 5.95 21.82 26.05
N LEU A 226 5.03 21.30 25.22
CA LEU A 226 3.66 21.05 25.66
C LEU A 226 3.61 20.10 26.85
N ALA A 227 4.45 19.06 26.86
CA ALA A 227 4.39 18.03 27.90
C ALA A 227 4.52 18.62 29.30
N ARG A 228 5.13 19.80 29.40
CA ARG A 228 5.29 20.52 30.67
C ARG A 228 4.25 21.64 30.83
N GLU A 229 4.03 22.46 29.80
CA GLU A 229 2.95 23.44 29.88
C GLU A 229 1.60 22.80 30.17
N MET A 230 1.43 21.51 29.84
CA MET A 230 0.20 20.79 30.18
C MET A 230 0.22 20.35 31.63
N ALA A 231 1.34 19.73 32.05
CA ALA A 231 1.49 19.30 33.43
C ALA A 231 1.18 20.42 34.42
N ALA A 232 1.41 21.67 34.02
CA ALA A 232 1.08 22.83 34.85
C ALA A 232 -0.38 22.79 35.26
N THR A 233 -1.27 23.10 34.31
CA THR A 233 -2.71 23.10 34.53
C THR A 233 -3.32 21.69 34.66
N GLU A 234 -2.51 20.66 34.94
CA GLU A 234 -2.99 19.30 35.16
C GLU A 234 -3.02 18.97 36.64
N THR A 235 -4.07 18.25 37.05
CA THR A 235 -4.31 17.99 38.45
C THR A 235 -4.26 16.52 38.82
N ARG A 236 -4.15 15.64 37.85
CA ARG A 236 -4.15 14.20 38.10
C ARG A 236 -2.69 13.78 38.13
N GLU A 237 -2.13 13.73 39.33
CA GLU A 237 -0.72 13.44 39.56
C GLU A 237 -0.20 12.41 38.58
N SER A 238 -0.88 11.25 38.54
CA SER A 238 -0.34 10.06 37.86
C SER A 238 0.10 10.34 36.43
N ARG A 239 -0.57 11.26 35.71
CA ARG A 239 -0.14 11.53 34.34
C ARG A 239 0.93 12.61 34.25
N ARG A 240 0.99 13.52 35.22
CA ARG A 240 2.10 14.46 35.23
C ARG A 240 3.43 13.73 35.33
N ASP A 241 3.51 12.70 36.19
CA ASP A 241 4.71 11.88 36.25
C ASP A 241 5.02 11.22 34.91
N GLU A 242 4.01 11.02 34.07
CA GLU A 242 4.24 10.54 32.72
C GLU A 242 4.71 11.66 31.80
N LEU A 243 3.97 12.78 31.77
CA LEU A 243 4.33 13.90 30.88
C LEU A 243 5.74 14.40 31.16
N LEU A 244 6.08 14.59 32.44
CA LEU A 244 7.43 14.99 32.82
C LEU A 244 8.49 14.07 32.21
N ALA A 245 8.22 12.76 32.18
CA ALA A 245 9.16 11.82 31.57
C ALA A 245 9.16 11.94 30.04
N MET A 246 8.06 12.42 29.47
CA MET A 246 7.96 12.51 28.02
C MET A 246 8.72 13.71 27.48
N ALA A 247 8.47 14.91 28.02
CA ALA A 247 9.37 16.02 27.76
C ALA A 247 10.79 15.66 28.19
N GLU A 248 10.92 14.95 29.31
CA GLU A 248 12.23 14.41 29.69
C GLU A 248 12.75 13.46 28.61
N ASN A 249 11.86 12.68 28.01
CA ASN A 249 12.27 11.77 26.94
C ASN A 249 12.32 12.46 25.59
N CYS A 250 11.51 13.50 25.36
CA CYS A 250 11.58 14.24 24.11
C CYS A 250 12.81 15.15 24.07
N ASP A 251 13.17 15.74 25.20
CA ASP A 251 14.38 16.53 25.23
C ASP A 251 15.57 15.72 24.73
N LEU A 252 15.66 14.46 25.13
CA LEU A 252 16.80 13.63 24.75
C LEU A 252 16.72 13.11 23.32
N ILE A 253 15.52 13.01 22.73
CA ILE A 253 15.42 12.51 21.36
C ILE A 253 15.36 13.61 20.32
N ALA A 254 15.12 14.87 20.73
CA ALA A 254 15.27 15.93 19.76
C ALA A 254 16.71 16.06 19.27
N HIS A 255 17.66 15.33 19.86
CA HIS A 255 19.08 15.52 19.57
C HIS A 255 19.92 14.24 19.57
N GLN A 256 19.88 13.49 20.65
CA GLN A 256 20.85 12.42 20.74
C GLN A 256 20.19 11.07 20.53
N PRO A 257 20.98 10.04 20.23
CA PRO A 257 20.45 8.67 20.12
C PRO A 257 19.70 8.27 21.38
N PRO A 258 18.53 7.68 21.24
CA PRO A 258 17.68 7.40 22.39
C PRO A 258 18.21 6.25 23.25
N GLN A 259 17.82 6.26 24.53
CA GLN A 259 18.36 5.38 25.56
C GLN A 259 17.44 4.23 25.95
N THR A 260 16.14 4.47 26.10
CA THR A 260 15.21 3.47 26.57
C THR A 260 14.43 2.88 25.40
N PHE A 261 13.39 2.12 25.74
CA PHE A 261 12.42 1.66 24.77
C PHE A 261 11.43 2.77 24.47
N TRP A 262 10.91 3.41 25.52
CA TRP A 262 9.97 4.51 25.36
C TRP A 262 10.53 5.60 24.45
N GLN A 263 11.85 5.74 24.43
CA GLN A 263 12.49 6.80 23.65
C GLN A 263 12.65 6.37 22.19
N ALA A 264 13.21 5.18 21.98
CA ALA A 264 13.43 4.62 20.65
C ALA A 264 12.14 4.33 19.90
N LEU A 265 10.99 4.32 20.58
CA LEU A 265 9.70 4.15 19.89
C LEU A 265 8.92 5.45 19.76
N GLN A 266 9.16 6.43 20.62
CA GLN A 266 8.60 7.76 20.36
C GLN A 266 9.33 8.40 19.20
N LEU A 267 10.66 8.22 19.15
CA LEU A 267 11.42 8.80 18.04
C LEU A 267 10.92 8.25 16.72
N CYS A 268 11.00 6.93 16.54
CA CYS A 268 10.57 6.34 15.28
C CYS A 268 9.16 6.78 14.90
N TYR A 269 8.29 7.05 15.88
CA TYR A 269 6.99 7.61 15.50
C TYR A 269 7.13 9.03 14.96
N PHE A 270 7.87 9.88 15.67
CA PHE A 270 8.09 11.24 15.21
C PHE A 270 8.45 11.28 13.73
N ILE A 271 9.45 10.48 13.35
CA ILE A 271 9.78 10.36 11.93
C ILE A 271 8.57 9.89 11.16
N GLN A 272 8.02 8.74 11.53
CA GLN A 272 6.92 8.14 10.80
C GLN A 272 5.79 9.13 10.54
N LEU A 273 5.69 10.17 11.38
CA LEU A 273 4.68 11.21 11.25
C LEU A 273 5.08 12.29 10.25
N ILE A 274 6.20 12.97 10.52
CA ILE A 274 6.64 14.10 9.70
C ILE A 274 6.72 13.72 8.23
N LEU A 275 7.13 12.47 7.95
CA LEU A 275 7.13 11.95 6.59
C LEU A 275 5.75 11.96 5.96
N GLN A 276 4.67 11.95 6.77
CA GLN A 276 3.32 12.01 6.25
C GLN A 276 2.71 13.40 6.31
N ILE A 277 3.43 14.37 6.87
CA ILE A 277 3.10 15.78 6.78
C ILE A 277 3.87 16.44 5.63
N GLU A 278 5.05 15.92 5.30
CA GLU A 278 5.82 16.47 4.19
C GLU A 278 5.29 15.95 2.85
N SER A 279 4.82 14.72 2.83
CA SER A 279 4.30 14.13 1.61
C SER A 279 3.07 13.31 1.95
N ASN A 280 2.15 13.24 1.00
CA ASN A 280 0.92 12.50 1.23
C ASN A 280 1.00 11.06 0.71
N GLY A 281 2.16 10.62 0.23
CA GLY A 281 2.32 9.23 -0.11
C GLY A 281 1.88 8.33 1.01
N HIS A 282 1.08 7.31 0.70
CA HIS A 282 0.69 6.34 1.70
C HIS A 282 1.66 5.16 1.70
N SER A 283 1.48 4.26 2.65
CA SER A 283 2.35 3.10 2.77
C SER A 283 3.73 3.51 3.23
N VAL A 284 3.80 4.56 4.03
CA VAL A 284 4.98 4.72 4.88
C VAL A 284 5.02 3.55 5.85
N SER A 285 5.87 2.57 5.55
CA SER A 285 6.03 1.40 6.38
C SER A 285 7.02 1.64 7.53
N PHE A 286 7.17 0.63 8.37
CA PHE A 286 8.06 0.63 9.52
C PHE A 286 9.19 -0.38 9.39
N GLY A 287 9.05 -1.34 8.49
CA GLY A 287 10.08 -2.34 8.38
C GLY A 287 10.14 -3.27 9.58
N ARG A 288 11.32 -3.88 9.75
CA ARG A 288 11.52 -4.90 10.78
C ARG A 288 11.64 -4.28 12.17
N MET A 289 10.50 -3.75 12.67
CA MET A 289 10.50 -3.12 13.99
C MET A 289 10.79 -4.10 15.12
N ASP A 290 10.32 -5.35 15.00
CA ASP A 290 10.64 -6.31 16.05
C ASP A 290 12.15 -6.57 16.15
N GLN A 291 12.92 -6.22 15.11
CA GLN A 291 14.37 -6.38 15.12
C GLN A 291 15.14 -5.12 15.54
N TYR A 292 14.66 -3.91 15.24
CA TYR A 292 15.47 -2.74 15.56
C TYR A 292 15.02 -2.03 16.82
N LEU A 293 13.85 -2.34 17.35
CA LEU A 293 13.50 -1.84 18.67
C LEU A 293 13.86 -2.83 19.77
N TYR A 294 14.35 -4.02 19.38
CA TYR A 294 14.49 -5.12 20.34
C TYR A 294 15.61 -4.89 21.34
N PRO A 295 16.80 -4.45 20.90
CA PRO A 295 17.88 -4.21 21.87
C PRO A 295 17.51 -3.24 23.00
N TYR A 296 16.42 -2.46 22.86
CA TYR A 296 15.90 -1.66 23.98
C TYR A 296 14.89 -2.45 24.81
N TYR A 297 13.99 -3.20 24.16
CA TYR A 297 13.11 -4.11 24.88
C TYR A 297 13.91 -5.06 25.77
N ARG A 298 14.99 -5.64 25.21
CA ARG A 298 15.84 -6.52 26.01
C ARG A 298 16.43 -5.77 27.19
N ARG A 299 17.20 -4.71 26.93
CA ARG A 299 17.76 -3.91 28.02
C ARG A 299 16.70 -3.61 29.08
N ASP A 300 15.61 -2.97 28.68
CA ASP A 300 14.68 -2.39 29.63
C ASP A 300 13.99 -3.46 30.49
N VAL A 301 13.22 -4.35 29.85
CA VAL A 301 12.26 -5.16 30.58
C VAL A 301 12.66 -6.62 30.68
N GLU A 302 13.40 -7.15 29.72
CA GLU A 302 13.81 -8.54 29.83
C GLU A 302 14.84 -8.70 30.94
N LEU A 303 15.90 -7.88 30.92
CA LEU A 303 16.95 -7.97 31.94
C LEU A 303 16.79 -6.92 33.05
N ASN A 304 17.28 -5.69 32.85
CA ASN A 304 17.27 -4.72 33.95
C ASN A 304 15.88 -4.55 34.55
N GLN A 305 14.82 -4.94 33.82
CA GLN A 305 13.43 -4.99 34.28
C GLN A 305 12.96 -3.65 34.87
N THR A 306 13.59 -2.54 34.47
CA THR A 306 13.12 -1.24 34.89
C THR A 306 11.76 -0.89 34.28
N LEU A 307 11.26 -1.71 33.37
CA LEU A 307 9.92 -1.56 32.81
C LEU A 307 9.23 -2.92 32.81
N ASP A 308 7.91 -2.91 32.72
CA ASP A 308 7.12 -4.13 32.84
C ASP A 308 6.60 -4.53 31.45
N ARG A 309 6.77 -5.81 31.11
CA ARG A 309 6.38 -6.34 29.80
C ARG A 309 4.93 -5.98 29.45
N GLU A 310 4.18 -5.51 30.43
CA GLU A 310 2.82 -5.08 30.17
C GLU A 310 2.71 -3.59 29.93
N HIS A 311 3.68 -2.79 30.38
CA HIS A 311 3.64 -1.39 30.01
C HIS A 311 4.33 -1.14 28.67
N ALA A 312 5.22 -2.03 28.26
CA ALA A 312 5.64 -2.07 26.86
C ALA A 312 4.44 -2.32 25.95
N ILE A 313 3.64 -3.37 26.24
CA ILE A 313 2.50 -3.65 25.38
C ILE A 313 1.47 -2.52 25.40
N GLU A 314 1.46 -1.71 26.47
CA GLU A 314 0.53 -0.58 26.48
C GLU A 314 1.06 0.60 25.67
N MET A 315 2.37 0.78 25.61
CA MET A 315 2.93 1.86 24.81
C MET A 315 2.60 1.70 23.34
N LEU A 316 3.04 0.59 22.76
CA LEU A 316 2.80 0.26 21.36
C LEU A 316 1.36 0.59 21.01
N HIS A 317 0.45 0.28 21.93
CA HIS A 317 -0.96 0.55 21.70
C HIS A 317 -1.20 2.03 21.40
N SER A 318 -0.87 2.90 22.36
CA SER A 318 -0.96 4.33 22.10
C SER A 318 -0.50 4.61 20.69
N CYS A 319 0.67 4.08 20.35
CA CYS A 319 1.27 4.24 19.04
C CYS A 319 0.33 3.77 17.94
N TRP A 320 -0.03 2.48 17.95
CA TRP A 320 -0.95 1.90 16.97
C TRP A 320 -2.10 2.84 16.71
N LEU A 321 -2.56 3.50 17.78
CA LEU A 321 -3.68 4.42 17.66
C LEU A 321 -3.27 5.74 17.02
N LYS A 322 -2.01 6.14 17.16
CA LYS A 322 -1.54 7.31 16.44
C LYS A 322 -1.43 7.04 14.94
N LEU A 323 -1.03 5.82 14.57
CA LEU A 323 -1.07 5.46 13.16
C LEU A 323 -2.50 5.43 12.64
N LEU A 324 -3.47 5.14 13.50
CA LEU A 324 -4.87 5.21 13.06
C LEU A 324 -5.30 6.66 12.86
N GLU A 325 -4.80 7.55 13.73
CA GLU A 325 -5.03 8.99 13.61
C GLU A 325 -4.66 9.55 12.24
N VAL A 326 -3.65 8.95 11.60
CA VAL A 326 -3.16 9.39 10.30
C VAL A 326 -4.23 9.17 9.24
N ASN A 327 -4.70 10.25 8.61
CA ASN A 327 -5.72 10.16 7.58
C ASN A 327 -5.30 10.95 6.34
N LYS A 328 -6.00 10.70 5.22
CA LYS A 328 -5.60 11.21 3.92
C LYS A 328 -6.81 11.23 3.00
N ILE A 329 -7.00 12.35 2.28
CA ILE A 329 -8.17 12.54 1.39
C ILE A 329 -7.75 12.29 -0.06
N ARG A 330 -8.57 11.55 -0.81
CA ARG A 330 -8.30 11.30 -2.22
C ARG A 330 -9.51 11.66 -3.06
N SER A 331 -9.31 11.70 -4.37
CA SER A 331 -10.34 12.13 -5.32
C SER A 331 -11.60 11.28 -5.22
N GLY A 332 -12.57 11.55 -6.09
CA GLY A 332 -13.79 10.75 -6.12
C GLY A 332 -13.55 9.45 -6.86
N SER A 333 -12.77 9.53 -7.94
CA SER A 333 -12.48 8.36 -8.75
C SER A 333 -11.49 7.44 -8.05
N HIS A 334 -10.38 7.98 -7.57
CA HIS A 334 -9.37 7.12 -6.97
C HIS A 334 -9.83 6.59 -5.62
N SER A 335 -10.73 7.31 -4.93
CA SER A 335 -11.25 6.84 -3.66
C SER A 335 -11.91 5.47 -3.79
N LYS A 336 -12.56 5.22 -4.93
CA LYS A 336 -13.23 3.94 -5.14
C LYS A 336 -12.25 2.76 -5.08
N ALA A 337 -11.08 2.90 -5.70
CA ALA A 337 -10.08 1.84 -5.66
C ALA A 337 -9.30 1.80 -4.36
N SER A 338 -9.56 2.71 -3.41
CA SER A 338 -8.90 2.70 -2.10
C SER A 338 -10.00 2.74 -1.02
N ALA A 339 -10.78 1.67 -0.93
CA ALA A 339 -11.95 1.68 -0.06
C ALA A 339 -11.52 1.72 1.41
N GLY A 340 -12.19 2.58 2.18
CA GLY A 340 -12.01 2.64 3.62
C GLY A 340 -10.87 3.51 4.11
N SER A 341 -10.66 4.67 3.45
CA SER A 341 -9.50 5.57 3.62
C SER A 341 -8.38 4.93 4.44
N PRO A 342 -7.55 4.09 3.80
CA PRO A 342 -6.42 3.47 4.51
C PRO A 342 -5.12 4.23 4.28
N LEU A 343 -4.09 3.91 5.07
CA LEU A 343 -2.77 4.48 4.86
C LEU A 343 -1.71 3.41 4.63
N TYR A 344 -2.04 2.15 4.92
CA TYR A 344 -1.19 0.99 4.69
C TYR A 344 0.13 1.06 5.44
N GLN A 345 0.20 1.79 6.55
CA GLN A 345 1.43 1.78 7.32
C GLN A 345 1.73 0.39 7.83
N ASN A 346 2.81 -0.20 7.35
CA ASN A 346 3.09 -1.60 7.59
C ASN A 346 4.15 -1.74 8.68
N VAL A 347 3.95 -2.69 9.59
CA VAL A 347 4.94 -3.12 10.58
C VAL A 347 5.23 -4.59 10.33
N THR A 348 6.51 -4.96 10.23
CA THR A 348 6.93 -6.30 9.87
C THR A 348 7.52 -7.01 11.10
N ILE A 349 7.14 -8.28 11.33
CA ILE A 349 7.73 -9.07 12.42
C ILE A 349 8.18 -10.44 11.90
N GLY A 350 9.31 -10.91 12.40
CA GLY A 350 9.76 -12.26 12.15
C GLY A 350 10.78 -12.42 11.04
N GLY A 351 10.69 -13.52 10.31
CA GLY A 351 11.65 -13.79 9.27
C GLY A 351 12.96 -14.36 9.81
N GLN A 352 13.96 -14.36 8.94
CA GLN A 352 15.27 -14.89 9.28
C GLN A 352 16.22 -13.74 9.61
N ASN A 353 17.52 -14.00 9.50
CA ASN A 353 18.51 -12.99 9.84
C ASN A 353 19.92 -13.50 9.57
N LEU A 354 20.50 -13.09 8.44
CA LEU A 354 21.78 -13.63 8.00
C LEU A 354 22.88 -13.04 8.86
N VAL A 355 23.39 -13.85 9.80
CA VAL A 355 24.42 -13.41 10.73
C VAL A 355 25.73 -14.11 10.40
N ASP A 356 26.73 -13.31 10.01
CA ASP A 356 28.07 -13.76 9.64
C ASP A 356 28.04 -14.82 8.53
N GLY A 357 26.98 -14.84 7.73
CA GLY A 357 26.89 -15.70 6.58
C GLY A 357 26.00 -16.91 6.76
N GLN A 358 25.48 -17.15 7.97
CA GLN A 358 24.62 -18.30 8.26
C GLN A 358 23.21 -17.81 8.60
N PRO A 359 22.18 -18.39 7.99
CA PRO A 359 20.81 -17.95 8.25
C PRO A 359 20.29 -18.41 9.61
N MET A 360 19.57 -17.51 10.28
CA MET A 360 19.15 -17.76 11.64
C MET A 360 17.77 -17.19 11.90
N ASP A 361 16.96 -17.97 12.63
CA ASP A 361 15.63 -17.54 13.06
C ASP A 361 15.68 -16.17 13.72
N ALA A 362 14.82 -15.27 13.29
CA ALA A 362 14.80 -13.91 13.79
C ALA A 362 13.66 -13.66 14.77
N VAL A 363 12.78 -14.64 14.98
CA VAL A 363 11.71 -14.46 15.95
C VAL A 363 12.32 -14.21 17.32
N ASN A 364 11.77 -13.26 18.05
CA ASN A 364 12.26 -13.01 19.40
C ASN A 364 11.15 -12.51 20.32
N PRO A 365 11.44 -12.32 21.61
CA PRO A 365 10.37 -11.94 22.57
C PRO A 365 9.60 -10.67 22.22
N LEU A 366 10.20 -9.71 21.50
CA LEU A 366 9.41 -8.56 21.06
C LEU A 366 8.51 -8.92 19.87
N SER A 367 8.91 -9.91 19.07
CA SER A 367 7.99 -10.44 18.05
C SER A 367 6.69 -10.93 18.69
N TYR A 368 6.79 -11.59 19.85
CA TYR A 368 5.59 -12.03 20.56
C TYR A 368 4.86 -10.84 21.18
N ALA A 369 5.61 -9.86 21.70
CA ALA A 369 4.96 -8.70 22.33
C ALA A 369 4.25 -7.85 21.30
N ILE A 370 4.85 -7.71 20.12
CA ILE A 370 4.22 -6.90 19.07
C ILE A 370 2.97 -7.59 18.56
N LEU A 371 3.05 -8.89 18.32
CA LEU A 371 1.89 -9.66 17.88
C LEU A 371 0.77 -9.57 18.90
N GLU A 372 1.10 -9.88 20.16
CA GLU A 372 0.09 -9.94 21.21
C GLU A 372 -0.54 -8.57 21.45
N SER A 373 0.21 -7.49 21.21
CA SER A 373 -0.40 -6.18 21.32
C SER A 373 -1.34 -5.91 20.16
N CYS A 374 -1.08 -6.48 18.99
CA CYS A 374 -2.03 -6.33 17.88
C CYS A 374 -3.29 -7.13 18.14
N GLY A 375 -3.13 -8.37 18.61
CA GLY A 375 -4.27 -9.22 18.87
C GLY A 375 -5.22 -8.65 19.90
N ARG A 376 -4.72 -7.91 20.88
CA ARG A 376 -5.63 -7.31 21.87
C ARG A 376 -6.37 -6.11 21.29
N LEU A 377 -5.79 -5.41 20.32
CA LEU A 377 -6.30 -4.09 19.92
C LEU A 377 -7.30 -4.14 18.78
N ARG A 378 -7.14 -5.06 17.82
CA ARG A 378 -8.14 -5.28 16.78
C ARG A 378 -8.42 -4.00 15.98
N SER A 379 -7.35 -3.43 15.42
CA SER A 379 -7.41 -2.14 14.73
C SER A 379 -6.84 -2.25 13.31
N THR A 380 -7.29 -1.38 12.42
CA THR A 380 -6.82 -1.43 11.03
C THR A 380 -5.32 -1.18 10.92
N GLN A 381 -4.76 -0.38 11.83
CA GLN A 381 -3.38 0.06 11.87
C GLN A 381 -2.73 -0.45 13.14
N PRO A 382 -1.52 -0.99 13.04
CA PRO A 382 -0.79 -1.07 11.79
C PRO A 382 -1.27 -2.20 10.89
N ASN A 383 -0.59 -2.37 9.75
CA ASN A 383 -0.75 -3.56 8.93
C ASN A 383 0.34 -4.52 9.37
N LEU A 384 -0.05 -5.63 9.98
CA LEU A 384 0.90 -6.55 10.57
C LEU A 384 1.25 -7.64 9.55
N SER A 385 2.53 -7.72 9.19
CA SER A 385 2.99 -8.69 8.21
C SER A 385 4.09 -9.54 8.85
N VAL A 386 3.94 -10.86 8.74
CA VAL A 386 4.80 -11.82 9.43
C VAL A 386 5.64 -12.54 8.38
N ARG A 387 6.94 -12.65 8.64
CA ARG A 387 7.85 -13.29 7.71
C ARG A 387 7.99 -14.78 8.06
N TYR A 388 7.27 -15.61 7.33
CA TYR A 388 7.39 -17.04 7.48
C TYR A 388 8.72 -17.54 6.94
N HIS A 389 9.22 -18.61 7.54
CA HIS A 389 10.28 -19.41 6.92
C HIS A 389 10.14 -20.85 7.39
N ALA A 390 10.69 -21.77 6.58
CA ALA A 390 10.54 -23.20 6.83
C ALA A 390 10.82 -23.59 8.28
N GLY A 391 11.71 -22.87 8.95
CA GLY A 391 12.13 -23.22 10.29
C GLY A 391 11.52 -22.37 11.38
N MET A 392 10.38 -21.74 11.08
CA MET A 392 9.63 -21.05 12.11
C MET A 392 9.08 -22.05 13.12
N SER A 393 8.96 -21.61 14.36
CA SER A 393 8.51 -22.51 15.41
C SER A 393 7.08 -22.95 15.16
N ASN A 394 6.72 -24.10 15.73
CA ASN A 394 5.30 -24.39 15.87
C ASN A 394 4.67 -23.44 16.87
N ASP A 395 5.43 -22.98 17.85
CA ASP A 395 4.87 -22.10 18.88
C ASP A 395 4.43 -20.77 18.29
N PHE A 396 5.28 -20.13 17.48
CA PHE A 396 4.99 -18.79 16.99
C PHE A 396 3.89 -18.81 15.94
N LEU A 397 3.90 -19.82 15.06
CA LEU A 397 2.84 -19.96 14.07
C LEU A 397 1.49 -20.18 14.74
N ASP A 398 1.41 -21.03 15.76
CA ASP A 398 0.17 -21.15 16.51
C ASP A 398 -0.23 -19.80 17.10
N ALA A 399 0.76 -19.03 17.60
CA ALA A 399 0.44 -17.71 18.15
C ALA A 399 -0.04 -16.77 17.06
N CYS A 400 0.35 -17.02 15.81
CA CYS A 400 -0.19 -16.29 14.67
C CYS A 400 -1.62 -16.70 14.37
N VAL A 401 -1.89 -18.01 14.37
CA VAL A 401 -3.25 -18.47 14.18
C VAL A 401 -4.15 -17.97 15.28
N GLN A 402 -3.64 -17.82 16.51
CA GLN A 402 -4.46 -17.27 17.59
C GLN A 402 -4.96 -15.86 17.25
N VAL A 403 -4.06 -14.97 16.81
CA VAL A 403 -4.46 -13.62 16.45
C VAL A 403 -5.33 -13.59 15.20
N ILE A 404 -5.29 -14.65 14.37
CA ILE A 404 -6.19 -14.69 13.22
C ILE A 404 -7.63 -14.89 13.67
N ARG A 405 -7.85 -15.75 14.67
CA ARG A 405 -9.19 -16.04 15.16
C ARG A 405 -9.78 -14.79 15.80
N CYS A 406 -9.07 -13.67 15.71
CA CYS A 406 -9.59 -12.41 16.23
C CYS A 406 -10.31 -11.57 15.19
N GLY A 407 -10.45 -12.09 13.96
CA GLY A 407 -11.35 -11.45 13.02
C GLY A 407 -11.09 -9.98 12.81
N PHE A 408 -9.84 -9.65 12.49
CA PHE A 408 -9.52 -8.33 11.94
C PHE A 408 -8.50 -8.47 10.81
N GLY A 409 -8.30 -9.68 10.29
CA GLY A 409 -7.44 -9.92 9.13
C GLY A 409 -5.96 -10.03 9.41
N MET A 410 -5.51 -9.62 10.54
CA MET A 410 -4.10 -9.73 10.79
C MET A 410 -3.81 -10.92 11.69
N PRO A 411 -2.59 -11.48 11.61
CA PRO A 411 -1.54 -10.99 10.71
C PRO A 411 -1.56 -11.62 9.31
N ALA A 412 -0.98 -10.93 8.32
CA ALA A 412 -0.79 -11.47 6.98
C ALA A 412 0.59 -12.08 6.87
N PHE A 413 0.82 -12.84 5.80
CA PHE A 413 2.04 -13.63 5.70
C PHE A 413 2.81 -13.29 4.42
N ASN A 414 4.12 -13.17 4.56
CA ASN A 414 5.06 -13.17 3.45
C ASN A 414 6.03 -14.33 3.64
N ASN A 415 6.81 -14.63 2.62
CA ASN A 415 7.37 -15.97 2.49
C ASN A 415 8.85 -15.88 2.13
N ASP A 416 9.71 -15.88 3.16
CA ASP A 416 11.16 -15.91 2.93
C ASP A 416 11.55 -16.95 1.90
N GLU A 417 10.77 -18.03 1.79
CA GLU A 417 11.16 -19.14 0.92
C GLU A 417 11.18 -18.72 -0.54
N ILE A 418 10.44 -17.67 -0.91
CA ILE A 418 10.40 -17.19 -2.28
C ILE A 418 11.15 -15.87 -2.45
N VAL A 419 10.98 -14.95 -1.49
CA VAL A 419 11.53 -13.61 -1.63
C VAL A 419 13.05 -13.62 -1.65
N ILE A 420 13.68 -14.15 -0.58
CA ILE A 420 15.14 -14.08 -0.47
C ILE A 420 15.85 -14.64 -1.70
N PRO A 421 15.55 -15.84 -2.17
CA PRO A 421 16.24 -16.36 -3.35
C PRO A 421 16.05 -15.52 -4.60
N GLU A 422 14.91 -14.84 -4.75
CA GLU A 422 14.69 -13.99 -5.90
C GLU A 422 15.41 -12.65 -5.76
N PHE A 423 15.51 -12.14 -4.53
CA PHE A 423 16.25 -10.90 -4.32
C PHE A 423 17.73 -11.11 -4.63
N ILE A 424 18.37 -12.05 -3.94
CA ILE A 424 19.75 -12.42 -4.26
C ILE A 424 19.90 -12.53 -5.77
N LYS A 425 18.90 -13.12 -6.43
CA LYS A 425 18.96 -13.41 -7.85
C LYS A 425 18.86 -12.15 -8.71
N LEU A 426 18.37 -11.04 -8.17
CA LEU A 426 18.34 -9.79 -8.92
C LEU A 426 19.61 -8.98 -8.77
N GLY A 427 20.47 -9.32 -7.81
CA GLY A 427 21.67 -8.56 -7.52
C GLY A 427 21.74 -8.01 -6.11
N ILE A 428 20.72 -8.24 -5.26
CA ILE A 428 20.68 -7.62 -3.94
C ILE A 428 21.71 -8.26 -3.02
N GLU A 429 22.34 -7.44 -2.19
CA GLU A 429 23.37 -7.93 -1.28
C GLU A 429 22.79 -9.02 -0.37
N PRO A 430 23.43 -10.19 -0.28
CA PRO A 430 22.85 -11.29 0.51
C PRO A 430 22.36 -10.88 1.89
N GLN A 431 23.10 -10.06 2.63
CA GLN A 431 22.60 -9.70 3.95
C GLN A 431 21.50 -8.66 3.91
N ASP A 432 21.29 -8.01 2.77
CA ASP A 432 20.15 -7.13 2.61
C ASP A 432 18.90 -7.90 2.21
N ALA A 433 19.07 -8.94 1.39
CA ALA A 433 17.95 -9.78 1.04
C ALA A 433 17.34 -10.47 2.27
N TYR A 434 18.16 -10.77 3.28
CA TYR A 434 17.58 -11.29 4.50
C TYR A 434 16.89 -10.22 5.33
N ASP A 435 17.15 -8.94 5.06
CA ASP A 435 16.58 -7.87 5.85
C ASP A 435 15.31 -7.27 5.24
N TYR A 436 14.80 -7.85 4.15
CA TYR A 436 13.62 -7.31 3.49
C TYR A 436 12.46 -7.19 4.47
N ALA A 437 11.69 -6.11 4.31
CA ALA A 437 10.44 -5.91 5.03
C ALA A 437 9.26 -6.03 4.07
N ALA A 438 8.06 -5.98 4.66
CA ALA A 438 6.87 -5.67 3.88
C ALA A 438 6.73 -4.15 3.78
N ILE A 439 6.27 -3.68 2.62
CA ILE A 439 5.91 -2.28 2.40
C ILE A 439 4.42 -2.23 2.13
N GLY A 440 3.75 -1.21 2.62
CA GLY A 440 2.33 -1.09 2.39
C GLY A 440 1.51 -2.37 2.62
N CYS A 441 1.34 -3.17 1.56
CA CYS A 441 0.34 -4.22 1.55
C CYS A 441 1.04 -5.58 1.51
N ILE A 442 1.33 -6.13 0.34
CA ILE A 442 2.01 -7.41 0.24
C ILE A 442 3.37 -7.31 -0.44
N GLU A 443 3.76 -6.13 -0.91
CA GLU A 443 5.03 -5.98 -1.61
C GLU A 443 6.20 -6.00 -0.64
N THR A 444 7.42 -6.04 -1.19
CA THR A 444 8.62 -6.31 -0.40
C THR A 444 9.78 -5.45 -0.89
N ALA A 445 10.51 -4.89 0.06
CA ALA A 445 11.69 -4.07 -0.26
C ALA A 445 12.71 -4.18 0.87
N VAL A 446 13.85 -3.56 0.67
CA VAL A 446 14.92 -3.57 1.68
C VAL A 446 14.87 -2.22 2.39
N GLY A 447 14.20 -2.20 3.56
CA GLY A 447 13.99 -1.00 4.35
C GLY A 447 15.23 -0.15 4.50
N GLY A 448 15.13 1.15 4.23
CA GLY A 448 16.26 2.04 4.33
C GLY A 448 17.19 2.10 3.12
N LYS A 449 17.02 1.23 2.13
CA LYS A 449 17.96 1.17 1.02
C LYS A 449 17.28 1.08 -0.35
N TRP A 450 15.97 1.32 -0.40
CA TRP A 450 15.16 1.12 -1.60
C TRP A 450 14.49 2.43 -1.97
N GLY A 451 14.34 2.65 -3.27
CA GLY A 451 13.60 3.77 -3.78
C GLY A 451 12.12 3.61 -3.51
N TYR A 452 11.33 4.45 -4.18
CA TYR A 452 9.88 4.46 -4.01
C TYR A 452 9.21 3.39 -4.89
N ARG A 453 8.03 2.93 -4.44
CA ARG A 453 7.09 2.22 -5.32
C ARG A 453 7.61 0.86 -5.72
N CYS A 454 8.14 0.07 -4.78
CA CYS A 454 8.48 -1.32 -5.13
C CYS A 454 7.27 -2.00 -5.74
N THR A 455 6.09 -1.50 -5.41
CA THR A 455 4.94 -1.61 -6.28
C THR A 455 4.20 -0.28 -6.14
N GLY A 456 3.16 -0.09 -6.93
CA GLY A 456 2.37 1.13 -6.87
C GLY A 456 2.43 1.98 -8.11
N MET A 457 3.15 1.56 -9.13
CA MET A 457 3.20 2.29 -10.38
C MET A 457 1.87 2.15 -11.12
N SER A 458 1.90 2.09 -12.45
CA SER A 458 0.70 2.32 -13.25
C SER A 458 -0.19 1.08 -13.31
N PHE A 459 -1.48 1.30 -13.38
CA PHE A 459 -2.46 0.23 -13.42
C PHE A 459 -2.78 -0.14 -14.86
N ILE A 460 -2.77 -1.44 -15.16
CA ILE A 460 -3.26 -1.91 -16.45
C ILE A 460 -4.47 -2.80 -16.23
N ASN A 461 -5.39 -2.75 -17.18
CA ASN A 461 -6.64 -3.49 -17.11
C ASN A 461 -6.58 -4.66 -18.09
N PHE A 462 -6.20 -5.83 -17.57
CA PHE A 462 -6.04 -7.01 -18.41
C PHE A 462 -7.35 -7.40 -19.08
N ALA A 463 -8.48 -7.20 -18.41
CA ALA A 463 -9.74 -7.67 -18.97
C ALA A 463 -10.13 -6.84 -20.18
N ARG A 464 -10.03 -5.50 -20.05
CA ARG A 464 -10.36 -4.62 -21.15
C ARG A 464 -9.44 -4.86 -22.34
N VAL A 465 -8.15 -5.05 -22.06
CA VAL A 465 -7.21 -5.30 -23.15
C VAL A 465 -7.57 -6.58 -23.87
N MET A 466 -7.88 -7.65 -23.14
CA MET A 466 -8.27 -8.91 -23.79
C MET A 466 -9.52 -8.73 -24.62
N LEU A 467 -10.56 -8.12 -24.04
CA LEU A 467 -11.70 -7.67 -24.85
C LEU A 467 -11.28 -7.02 -26.18
N ALA A 468 -10.21 -6.20 -26.18
CA ALA A 468 -9.74 -5.62 -27.45
C ALA A 468 -9.06 -6.65 -28.34
N ALA A 469 -8.24 -7.54 -27.76
CA ALA A 469 -7.67 -8.58 -28.59
C ALA A 469 -8.75 -9.46 -29.22
N LEU A 470 -9.95 -9.52 -28.63
CA LEU A 470 -10.97 -10.33 -29.26
C LEU A 470 -11.67 -9.59 -30.40
N GLU A 471 -11.90 -8.29 -30.29
CA GLU A 471 -12.71 -7.57 -31.27
C GLU A 471 -11.89 -6.47 -31.99
N GLY A 472 -10.94 -6.91 -32.82
CA GLY A 472 -10.25 -6.03 -33.76
C GLY A 472 -9.48 -4.86 -33.16
N GLY A 473 -9.03 -5.00 -31.90
CA GLY A 473 -8.44 -3.92 -31.15
C GLY A 473 -9.43 -2.94 -30.56
N HIS A 474 -10.72 -3.18 -30.73
CA HIS A 474 -11.78 -2.27 -30.29
C HIS A 474 -12.00 -2.44 -28.80
N ASP A 475 -11.86 -1.34 -28.05
CA ASP A 475 -12.28 -1.28 -26.66
C ASP A 475 -13.74 -0.85 -26.65
N ALA A 476 -14.61 -1.75 -26.20
CA ALA A 476 -16.04 -1.47 -26.24
C ALA A 476 -16.47 -0.42 -25.25
N THR A 477 -15.70 -0.22 -24.17
CA THR A 477 -16.11 0.75 -23.16
C THR A 477 -16.28 2.13 -23.75
N SER A 478 -15.33 2.54 -24.58
CA SER A 478 -15.19 3.92 -25.00
C SER A 478 -15.21 4.06 -26.52
N GLY A 479 -15.44 2.97 -27.24
CA GLY A 479 -15.48 3.04 -28.68
C GLY A 479 -14.15 3.29 -29.33
N LYS A 480 -13.06 3.31 -28.57
CA LYS A 480 -11.77 3.59 -29.18
C LYS A 480 -11.10 2.30 -29.68
N VAL A 481 -10.16 2.49 -30.60
CA VAL A 481 -9.32 1.43 -31.13
C VAL A 481 -7.90 1.95 -31.14
N PHE A 482 -7.09 1.58 -30.15
CA PHE A 482 -5.79 2.23 -30.10
C PHE A 482 -4.75 1.51 -30.94
N LEU A 483 -4.78 0.18 -30.96
CA LEU A 483 -3.89 -0.66 -31.77
C LEU A 483 -4.75 -1.51 -32.71
N PRO A 484 -5.01 -1.03 -33.92
CA PRO A 484 -5.94 -1.72 -34.81
C PRO A 484 -5.42 -3.09 -35.23
N GLN A 485 -6.36 -3.99 -35.55
CA GLN A 485 -6.06 -5.32 -36.08
C GLN A 485 -7.31 -5.89 -36.74
N GLU A 486 -7.08 -6.78 -37.71
CA GLU A 486 -8.18 -7.24 -38.54
C GLU A 486 -9.04 -8.28 -37.84
N LYS A 487 -8.39 -9.31 -37.26
CA LYS A 487 -9.15 -10.42 -36.66
C LYS A 487 -10.02 -9.93 -35.49
N ALA A 488 -11.32 -10.13 -35.62
CA ALA A 488 -12.24 -9.93 -34.51
C ALA A 488 -13.30 -11.02 -34.54
N LEU A 489 -13.91 -11.24 -33.38
CA LEU A 489 -14.95 -12.27 -33.27
C LEU A 489 -16.14 -11.94 -34.15
N SER A 490 -16.56 -10.67 -34.16
CA SER A 490 -17.76 -10.30 -34.90
C SER A 490 -17.61 -10.67 -36.36
N ALA A 491 -16.38 -10.58 -36.87
CA ALA A 491 -16.03 -11.04 -38.20
C ALA A 491 -15.56 -12.50 -38.21
N GLY A 492 -15.77 -13.24 -37.13
CA GLY A 492 -15.26 -14.59 -36.97
C GLY A 492 -14.19 -14.94 -37.98
N ASN A 493 -12.95 -14.50 -37.77
CA ASN A 493 -11.89 -14.87 -38.71
C ASN A 493 -10.61 -15.27 -38.00
N PHE A 494 -10.68 -15.59 -36.71
CA PHE A 494 -9.62 -16.37 -36.08
C PHE A 494 -9.70 -17.79 -36.65
N ASN A 495 -8.57 -18.31 -37.11
CA ASN A 495 -8.60 -19.68 -37.61
C ASN A 495 -8.39 -20.71 -36.51
N ASN A 496 -7.79 -20.31 -35.40
CA ASN A 496 -7.49 -21.25 -34.34
C ASN A 496 -7.12 -20.44 -33.11
N PHE A 497 -7.10 -21.12 -31.97
CA PHE A 497 -7.03 -20.39 -30.71
C PHE A 497 -5.68 -19.70 -30.56
N ASP A 498 -4.61 -20.41 -30.95
CA ASP A 498 -3.28 -19.80 -30.96
C ASP A 498 -3.33 -18.42 -31.61
N GLU A 499 -4.17 -18.24 -32.65
CA GLU A 499 -4.35 -16.91 -33.27
C GLU A 499 -5.04 -15.92 -32.32
N VAL A 500 -5.87 -16.39 -31.40
CA VAL A 500 -6.37 -15.50 -30.36
C VAL A 500 -5.27 -15.17 -29.36
N MET A 501 -4.47 -16.16 -28.99
CA MET A 501 -3.40 -15.87 -28.06
C MET A 501 -2.41 -14.88 -28.66
N ASP A 502 -2.24 -14.89 -29.98
CA ASP A 502 -1.35 -13.94 -30.65
C ASP A 502 -1.89 -12.53 -30.55
N ALA A 503 -3.16 -12.35 -30.92
CA ALA A 503 -3.82 -11.07 -30.74
C ALA A 503 -3.56 -10.53 -29.35
N TRP A 504 -3.67 -11.38 -28.32
CA TRP A 504 -3.40 -10.95 -26.95
C TRP A 504 -1.95 -10.50 -26.81
N ASP A 505 -1.00 -11.36 -27.20
CA ASP A 505 0.42 -10.98 -27.10
C ASP A 505 0.69 -9.67 -27.83
N THR A 506 0.01 -9.44 -28.97
CA THR A 506 0.21 -8.22 -29.75
C THR A 506 -0.39 -7.00 -29.04
N GLN A 507 -1.62 -7.12 -28.52
CA GLN A 507 -2.23 -5.95 -27.88
C GLN A 507 -1.50 -5.59 -26.60
N ILE A 508 -1.29 -6.56 -25.70
CA ILE A 508 -0.68 -6.20 -24.42
C ILE A 508 0.73 -5.66 -24.63
N ARG A 509 1.45 -6.15 -25.64
CA ARG A 509 2.78 -5.57 -25.86
C ARG A 509 2.70 -4.09 -26.14
N TYR A 510 1.56 -3.60 -26.62
CA TYR A 510 1.43 -2.19 -26.95
C TYR A 510 0.87 -1.36 -25.81
N TYR A 511 0.01 -1.92 -24.95
CA TYR A 511 -0.41 -1.19 -23.75
C TYR A 511 0.70 -1.15 -22.70
N THR A 512 1.63 -2.09 -22.73
CA THR A 512 2.76 -2.00 -21.80
C THR A 512 3.72 -0.88 -22.19
N ARG A 513 4.06 -0.76 -23.47
CA ARG A 513 4.86 0.36 -23.93
C ARG A 513 4.21 1.67 -23.48
N LYS A 514 2.96 1.86 -23.84
CA LYS A 514 2.26 3.07 -23.44
C LYS A 514 2.38 3.31 -21.93
N SER A 515 2.08 2.28 -21.13
CA SER A 515 2.13 2.46 -19.69
C SER A 515 3.50 2.96 -19.26
N ILE A 516 4.56 2.46 -19.90
CA ILE A 516 5.91 2.90 -19.53
C ILE A 516 6.18 4.32 -20.01
N GLU A 517 5.73 4.67 -21.22
CA GLU A 517 5.82 6.04 -21.68
C GLU A 517 5.08 6.97 -20.71
N ILE A 518 3.87 6.58 -20.27
CA ILE A 518 3.14 7.39 -19.30
C ILE A 518 3.93 7.50 -18.01
N GLU A 519 4.43 6.36 -17.53
CA GLU A 519 5.14 6.39 -16.28
C GLU A 519 6.36 7.26 -16.37
N TYR A 520 6.96 7.32 -17.56
CA TYR A 520 8.18 8.11 -17.69
C TYR A 520 7.89 9.59 -17.51
N VAL A 521 6.74 10.04 -18.00
CA VAL A 521 6.34 11.43 -17.79
C VAL A 521 6.06 11.70 -16.30
N VAL A 522 5.15 10.93 -15.69
CA VAL A 522 4.80 11.17 -14.29
C VAL A 522 6.05 11.21 -13.41
N ASP A 523 6.83 10.13 -13.43
CA ASP A 523 8.03 10.11 -12.61
C ASP A 523 8.93 11.31 -12.90
N THR A 524 8.91 11.85 -14.12
CA THR A 524 9.84 12.94 -14.36
C THR A 524 9.29 14.25 -13.80
N MET A 525 7.99 14.44 -13.91
CA MET A 525 7.33 15.56 -13.26
C MET A 525 7.43 15.47 -11.73
N LEU A 526 7.28 14.28 -11.16
CA LEU A 526 7.41 14.13 -9.71
C LEU A 526 8.83 14.47 -9.23
N GLU A 527 9.82 14.32 -10.10
CA GLU A 527 11.19 14.49 -9.69
C GLU A 527 11.70 15.92 -9.92
N GLU A 528 11.04 16.67 -10.78
CA GLU A 528 11.39 18.08 -10.97
C GLU A 528 10.66 19.00 -10.02
N ASN A 529 9.51 18.59 -9.47
CA ASN A 529 8.68 19.53 -8.76
C ASN A 529 8.49 19.24 -7.27
N VAL A 530 8.73 18.02 -6.79
CA VAL A 530 8.32 17.67 -5.43
C VAL A 530 9.32 16.76 -4.73
N HIS A 531 10.52 17.28 -4.51
CA HIS A 531 11.54 16.53 -3.78
C HIS A 531 11.06 16.23 -2.36
N ASP A 532 11.14 14.98 -1.96
CA ASP A 532 10.84 14.63 -0.57
C ASP A 532 12.15 14.78 0.21
N ILE A 533 12.22 15.83 1.03
CA ILE A 533 13.48 16.15 1.70
C ILE A 533 13.79 15.14 2.78
N LEU A 534 12.91 15.02 3.77
CA LEU A 534 13.25 14.20 4.91
C LEU A 534 13.37 12.74 4.48
N CYS A 535 12.42 12.25 3.70
CA CYS A 535 12.48 10.86 3.24
C CYS A 535 13.84 10.56 2.63
N SER A 536 14.32 11.48 1.78
CA SER A 536 15.60 11.26 1.12
C SER A 536 16.76 11.27 2.10
N ALA A 537 16.73 12.17 3.08
CA ALA A 537 17.73 12.15 4.13
C ALA A 537 17.83 10.77 4.78
N LEU A 538 16.71 10.06 4.91
CA LEU A 538 16.69 8.81 5.68
C LEU A 538 16.70 7.56 4.80
N VAL A 539 17.32 7.62 3.60
CA VAL A 539 17.49 6.46 2.74
C VAL A 539 18.89 6.48 2.14
N ASP A 540 19.53 5.32 2.07
CA ASP A 540 20.84 5.19 1.46
C ASP A 540 20.69 5.05 -0.04
N ASP A 541 21.51 5.78 -0.81
CA ASP A 541 22.62 6.57 -0.25
C ASP A 541 22.53 8.08 -0.54
N CYS A 542 21.32 8.62 -0.37
CA CYS A 542 21.04 9.98 -0.77
C CYS A 542 22.10 10.98 -0.29
N ILE A 543 22.34 11.03 1.02
CA ILE A 543 23.27 12.02 1.58
C ILE A 543 24.61 11.99 0.83
N GLU A 544 25.13 10.80 0.54
CA GLU A 544 26.43 10.72 -0.10
C GLU A 544 26.37 11.19 -1.56
N ARG A 545 25.27 10.92 -2.25
CA ARG A 545 25.14 11.37 -3.63
C ARG A 545 24.52 12.76 -3.73
N ALA A 546 24.11 13.34 -2.60
CA ALA A 546 23.48 14.65 -2.56
C ALA A 546 22.38 14.79 -3.61
N LYS A 547 21.43 13.85 -3.62
CA LYS A 547 20.27 13.98 -4.48
C LYS A 547 19.11 13.17 -3.92
N SER A 548 17.89 13.52 -4.35
CA SER A 548 16.67 12.88 -3.84
C SER A 548 16.58 11.42 -4.30
N ILE A 549 15.61 10.69 -3.72
CA ILE A 549 15.36 9.32 -4.18
C ILE A 549 15.01 9.31 -5.67
N LYS A 550 14.06 10.17 -6.06
CA LYS A 550 13.60 10.19 -7.42
C LYS A 550 14.70 10.51 -8.42
N GLN A 551 15.81 11.06 -7.98
CA GLN A 551 16.93 11.37 -8.87
C GLN A 551 17.95 10.26 -8.96
N GLY A 552 17.79 9.20 -8.18
CA GLY A 552 18.78 8.14 -8.09
C GLY A 552 19.54 8.04 -6.78
N GLY A 553 19.05 8.66 -5.70
CA GLY A 553 19.70 8.59 -4.40
C GLY A 553 19.73 7.20 -3.75
N ALA A 554 18.83 6.29 -4.13
CA ALA A 554 18.66 5.05 -3.38
C ALA A 554 19.63 3.97 -3.84
N LYS A 555 20.22 3.27 -2.88
CA LYS A 555 21.09 2.13 -3.19
C LYS A 555 20.41 1.15 -4.16
N TYR A 556 19.18 0.73 -3.83
CA TYR A 556 18.41 -0.17 -4.68
C TYR A 556 17.17 0.54 -5.24
N ASP A 557 16.75 0.15 -6.45
CA ASP A 557 15.60 0.79 -7.12
C ASP A 557 14.96 -0.21 -8.08
N TRP A 558 13.81 -0.78 -7.68
CA TRP A 558 12.95 -1.58 -8.57
C TRP A 558 11.52 -1.17 -8.32
N VAL A 559 10.74 -1.04 -9.39
CA VAL A 559 9.34 -0.66 -9.29
C VAL A 559 8.48 -1.71 -10.00
N SER A 560 7.21 -1.79 -9.61
CA SER A 560 6.26 -2.65 -10.30
C SER A 560 5.02 -1.83 -10.59
N GLY A 561 4.33 -2.17 -11.68
CA GLY A 561 2.97 -1.74 -11.88
C GLY A 561 1.97 -2.64 -11.17
N LEU A 562 0.71 -2.45 -11.50
CA LEU A 562 -0.36 -3.32 -10.99
C LEU A 562 -1.22 -3.79 -12.16
N GLN A 563 -1.35 -5.10 -12.32
CA GLN A 563 -2.18 -5.68 -13.37
C GLN A 563 -3.48 -6.15 -12.74
N VAL A 564 -4.60 -5.55 -13.18
CA VAL A 564 -5.92 -5.85 -12.63
C VAL A 564 -6.72 -6.70 -13.61
N GLY A 565 -7.40 -7.71 -13.08
CA GLY A 565 -8.19 -8.61 -13.88
C GLY A 565 -7.59 -10.01 -14.08
N ILE A 566 -6.76 -10.48 -13.13
CA ILE A 566 -6.01 -11.72 -13.35
C ILE A 566 -6.96 -12.89 -13.59
N ALA A 567 -7.76 -13.21 -12.57
CA ALA A 567 -8.69 -14.33 -12.67
C ALA A 567 -9.54 -14.23 -13.93
N ASN A 568 -10.04 -13.03 -14.22
CA ASN A 568 -10.97 -12.93 -15.33
C ASN A 568 -10.29 -13.19 -16.65
N LEU A 569 -9.00 -12.89 -16.74
CA LEU A 569 -8.24 -13.16 -17.95
C LEU A 569 -8.08 -14.66 -18.17
N GLY A 570 -7.57 -15.37 -17.16
CA GLY A 570 -7.54 -16.81 -17.24
C GLY A 570 -8.90 -17.41 -17.59
N ASN A 571 -9.92 -17.05 -16.83
CA ASN A 571 -11.22 -17.66 -17.06
C ASN A 571 -11.72 -17.38 -18.47
N SER A 572 -11.54 -16.16 -18.95
CA SER A 572 -12.08 -15.79 -20.26
C SER A 572 -11.42 -16.60 -21.36
N LEU A 573 -10.10 -16.53 -21.44
CA LEU A 573 -9.37 -17.27 -22.46
C LEU A 573 -9.78 -18.74 -22.44
N ALA A 574 -9.72 -19.37 -21.26
CA ALA A 574 -10.05 -20.80 -21.14
C ALA A 574 -11.48 -21.11 -21.57
N ALA A 575 -12.41 -20.17 -21.43
CA ALA A 575 -13.78 -20.41 -21.89
C ALA A 575 -13.92 -20.27 -23.40
N VAL A 576 -13.31 -19.24 -24.02
CA VAL A 576 -13.40 -19.20 -25.48
C VAL A 576 -12.55 -20.29 -26.09
N LYS A 577 -11.53 -20.77 -25.36
CA LYS A 577 -10.76 -21.89 -25.87
C LYS A 577 -11.61 -23.15 -25.94
N LYS A 578 -12.50 -23.38 -24.97
CA LYS A 578 -13.21 -24.65 -24.90
C LYS A 578 -14.48 -24.69 -25.73
N LEU A 579 -15.37 -23.71 -25.58
CA LEU A 579 -16.66 -23.82 -26.26
C LEU A 579 -16.65 -23.23 -27.66
N VAL A 580 -15.71 -22.34 -27.96
CA VAL A 580 -15.60 -21.74 -29.29
C VAL A 580 -14.72 -22.62 -30.18
N PHE A 581 -13.44 -22.77 -29.79
CA PHE A 581 -12.51 -23.44 -30.68
C PHE A 581 -12.56 -24.95 -30.47
N GLU A 582 -11.82 -25.49 -29.48
CA GLU A 582 -11.84 -26.91 -29.13
C GLU A 582 -13.12 -27.65 -29.51
N GLN A 583 -14.27 -27.22 -29.00
CA GLN A 583 -15.48 -28.01 -29.14
C GLN A 583 -16.41 -27.54 -30.24
N GLY A 584 -16.38 -26.28 -30.62
CA GLY A 584 -17.37 -25.78 -31.57
C GLY A 584 -18.74 -25.56 -30.98
N ALA A 585 -18.90 -25.77 -29.67
CA ALA A 585 -20.18 -25.59 -29.00
C ALA A 585 -20.80 -24.23 -29.27
N ILE A 586 -19.97 -23.17 -29.38
CA ILE A 586 -20.45 -21.80 -29.52
C ILE A 586 -19.70 -21.14 -30.68
N GLY A 587 -20.41 -20.29 -31.42
CA GLY A 587 -19.83 -19.62 -32.58
C GLY A 587 -19.12 -18.32 -32.24
N GLN A 588 -18.10 -18.00 -33.04
CA GLN A 588 -17.39 -16.74 -32.84
C GLN A 588 -18.34 -15.56 -32.89
N GLN A 589 -19.11 -15.41 -33.96
CA GLN A 589 -20.06 -14.30 -34.01
C GLN A 589 -21.15 -14.45 -32.95
N GLN A 590 -21.58 -15.69 -32.71
CA GLN A 590 -22.58 -15.90 -31.67
C GLN A 590 -22.07 -15.39 -30.33
N LEU A 591 -20.78 -15.49 -30.08
CA LEU A 591 -20.21 -14.96 -28.83
C LEU A 591 -20.05 -13.45 -28.90
N ALA A 592 -19.35 -12.95 -29.93
CA ALA A 592 -19.21 -11.52 -30.14
C ALA A 592 -20.53 -10.80 -29.95
N ALA A 593 -21.58 -11.30 -30.60
CA ALA A 593 -22.92 -10.72 -30.43
C ALA A 593 -23.39 -10.88 -28.99
N ALA A 594 -23.04 -12.01 -28.37
CA ALA A 594 -23.35 -12.22 -26.96
C ALA A 594 -22.77 -11.09 -26.10
N LEU A 595 -21.48 -10.78 -26.29
CA LEU A 595 -20.78 -9.82 -25.45
C LEU A 595 -21.22 -8.39 -25.70
N ALA A 596 -21.41 -8.02 -26.98
CA ALA A 596 -21.88 -6.68 -27.34
C ALA A 596 -23.31 -6.45 -26.86
N ASP A 597 -23.87 -7.46 -26.20
CA ASP A 597 -25.25 -7.44 -25.78
C ASP A 597 -25.44 -7.49 -24.28
N ASP A 598 -24.36 -7.66 -23.52
CA ASP A 598 -24.41 -7.94 -22.09
C ASP A 598 -25.35 -9.12 -21.79
N PHE A 599 -25.03 -10.26 -22.40
CA PHE A 599 -25.78 -11.52 -22.28
C PHE A 599 -27.25 -11.25 -22.03
N ASP A 600 -27.95 -10.67 -22.99
CA ASP A 600 -29.31 -10.22 -22.73
C ASP A 600 -30.31 -11.02 -23.53
N GLY A 601 -31.43 -11.32 -22.88
CA GLY A 601 -32.49 -12.13 -23.45
C GLY A 601 -32.83 -13.28 -22.54
N LEU A 602 -32.99 -14.47 -23.13
CA LEU A 602 -33.01 -15.69 -22.35
C LEU A 602 -32.10 -16.68 -23.06
N THR A 603 -32.05 -16.58 -24.38
CA THR A 603 -31.11 -17.40 -25.13
C THR A 603 -29.68 -17.04 -24.76
N HIS A 604 -29.37 -15.74 -24.77
CA HIS A 604 -28.03 -15.31 -24.41
C HIS A 604 -27.71 -15.62 -22.95
N GLU A 605 -28.72 -15.76 -22.08
CA GLU A 605 -28.42 -16.11 -20.70
C GLU A 605 -27.99 -17.57 -20.57
N GLN A 606 -28.66 -18.49 -21.28
CA GLN A 606 -28.17 -19.87 -21.29
C GLN A 606 -26.73 -19.92 -21.73
N LEU A 607 -26.37 -19.09 -22.70
CA LEU A 607 -24.99 -19.03 -23.19
C LEU A 607 -24.03 -18.66 -22.07
N ARG A 608 -24.36 -17.61 -21.32
CA ARG A 608 -23.50 -17.21 -20.22
C ARG A 608 -23.30 -18.38 -19.26
N GLN A 609 -24.38 -19.07 -18.87
CA GLN A 609 -24.24 -20.11 -17.87
C GLN A 609 -23.41 -21.28 -18.37
N ARG A 610 -23.54 -21.63 -19.65
CA ARG A 610 -22.56 -22.57 -20.19
C ARG A 610 -21.15 -22.00 -20.10
N LEU A 611 -21.00 -20.66 -20.18
CA LEU A 611 -19.67 -20.10 -20.01
C LEU A 611 -19.17 -20.29 -18.58
N ILE A 612 -19.98 -19.87 -17.60
CA ILE A 612 -19.55 -19.94 -16.20
C ILE A 612 -19.22 -21.38 -15.80
N ASN A 613 -20.15 -22.32 -15.99
CA ASN A 613 -20.00 -23.66 -15.43
C ASN A 613 -19.60 -24.75 -16.42
N GLY A 614 -19.52 -24.44 -17.70
CA GLY A 614 -19.16 -25.46 -18.66
C GLY A 614 -17.72 -25.33 -19.11
N ALA A 615 -16.91 -24.77 -18.24
CA ALA A 615 -15.53 -24.51 -18.60
C ALA A 615 -14.71 -24.27 -17.35
N PRO A 616 -13.48 -24.79 -17.31
CA PRO A 616 -12.71 -24.77 -16.06
C PRO A 616 -12.28 -23.36 -15.63
N LYS A 617 -12.43 -23.10 -14.33
CA LYS A 617 -12.17 -21.80 -13.72
C LYS A 617 -10.91 -21.88 -12.86
N TYR A 618 -10.28 -20.73 -12.68
CA TYR A 618 -8.99 -20.68 -11.99
C TYR A 618 -9.22 -20.73 -10.50
N GLY A 619 -8.58 -21.69 -9.83
CA GLY A 619 -8.73 -21.86 -8.40
C GLY A 619 -9.30 -23.20 -7.97
N ASN A 620 -9.43 -24.13 -8.91
CA ASN A 620 -9.87 -25.48 -8.61
C ASN A 620 -8.75 -26.49 -8.82
N ASP A 621 -7.52 -26.03 -8.70
CA ASP A 621 -6.31 -26.81 -9.02
C ASP A 621 -6.41 -27.47 -10.40
N ASP A 622 -7.07 -26.83 -11.36
CA ASP A 622 -7.15 -27.37 -12.71
C ASP A 622 -5.99 -26.85 -13.55
N ASP A 623 -5.16 -27.75 -14.09
CA ASP A 623 -3.95 -27.31 -14.78
C ASP A 623 -4.26 -26.59 -16.09
N THR A 624 -5.31 -26.99 -16.83
CA THR A 624 -5.53 -26.41 -18.15
C THR A 624 -5.73 -24.90 -18.05
N VAL A 625 -6.61 -24.46 -17.15
CA VAL A 625 -6.83 -23.02 -17.03
C VAL A 625 -5.68 -22.35 -16.29
N ASP A 626 -5.23 -22.96 -15.19
CA ASP A 626 -4.14 -22.38 -14.40
C ASP A 626 -2.93 -22.00 -15.26
N THR A 627 -2.46 -22.93 -16.10
CA THR A 627 -1.26 -22.64 -16.87
C THR A 627 -1.54 -21.81 -18.10
N LEU A 628 -2.77 -21.86 -18.63
CA LEU A 628 -3.13 -20.91 -19.66
C LEU A 628 -3.00 -19.49 -19.13
N LEU A 629 -3.43 -19.27 -17.89
CA LEU A 629 -3.31 -17.96 -17.28
C LEU A 629 -1.84 -17.56 -17.11
N ALA A 630 -1.00 -18.48 -16.62
CA ALA A 630 0.39 -18.14 -16.40
C ALA A 630 1.06 -17.70 -17.70
N ARG A 631 0.67 -18.32 -18.82
CA ARG A 631 1.21 -17.95 -20.12
C ARG A 631 0.75 -16.57 -20.54
N ALA A 632 -0.55 -16.33 -20.50
CA ALA A 632 -1.10 -15.05 -20.89
C ALA A 632 -0.39 -13.92 -20.17
N TYR A 633 -0.23 -14.06 -18.86
CA TYR A 633 0.55 -13.14 -18.04
C TYR A 633 2.02 -13.11 -18.46
N GLN A 634 2.56 -14.24 -18.96
CA GLN A 634 3.99 -14.30 -19.20
C GLN A 634 4.41 -13.35 -20.30
N THR A 635 3.51 -13.07 -21.24
CA THR A 635 3.81 -12.09 -22.27
C THR A 635 4.11 -10.73 -21.64
N TYR A 636 3.30 -10.30 -20.69
CA TYR A 636 3.52 -9.01 -20.04
C TYR A 636 4.88 -8.97 -19.34
N ILE A 637 5.23 -10.03 -18.62
CA ILE A 637 6.51 -10.10 -17.92
C ILE A 637 7.67 -10.07 -18.90
N ASP A 638 7.47 -10.69 -20.07
CA ASP A 638 8.52 -10.69 -21.07
C ASP A 638 8.70 -9.30 -21.68
N GLU A 639 7.67 -8.45 -21.64
CA GLU A 639 7.80 -7.10 -22.17
C GLU A 639 8.64 -6.23 -21.25
N LEU A 640 8.38 -6.30 -19.96
CA LEU A 640 9.05 -5.42 -19.02
C LEU A 640 10.56 -5.52 -19.15
N LYS A 641 11.07 -6.60 -19.77
CA LYS A 641 12.50 -6.86 -19.77
C LYS A 641 13.27 -5.93 -20.70
N GLN A 642 12.62 -5.32 -21.68
CA GLN A 642 13.31 -4.44 -22.62
C GLN A 642 13.18 -2.97 -22.25
N TYR A 643 12.77 -2.70 -21.01
CA TYR A 643 12.67 -1.36 -20.47
C TYR A 643 13.56 -1.25 -19.22
N HIS A 644 13.82 0.00 -18.82
CA HIS A 644 14.50 0.35 -17.58
C HIS A 644 13.78 1.55 -17.00
N ASN A 645 13.67 1.61 -15.69
CA ASN A 645 12.92 2.72 -15.10
C ASN A 645 13.80 3.96 -15.08
N PRO A 646 13.22 5.14 -14.83
CA PRO A 646 13.97 6.40 -14.98
C PRO A 646 15.27 6.49 -14.18
N ARG A 647 15.42 5.72 -13.10
CA ARG A 647 16.66 5.76 -12.34
C ARG A 647 17.75 4.85 -12.91
N TYR A 648 17.50 4.18 -14.02
CA TYR A 648 18.53 3.32 -14.60
C TYR A 648 19.76 4.14 -14.89
N GLY A 649 20.91 3.68 -14.39
CA GLY A 649 22.17 4.30 -14.67
C GLY A 649 22.46 5.59 -13.92
N ARG A 650 21.49 6.16 -13.24
CA ARG A 650 21.69 7.42 -12.56
C ARG A 650 22.10 7.24 -11.09
N GLY A 651 22.52 6.04 -10.69
CA GLY A 651 22.89 5.84 -9.30
C GLY A 651 22.60 4.47 -8.71
N PRO A 652 21.32 4.06 -8.68
CA PRO A 652 20.94 2.85 -7.93
C PRO A 652 21.34 1.53 -8.57
N VAL A 653 21.05 0.44 -7.87
CA VAL A 653 21.27 -0.92 -8.36
C VAL A 653 20.00 -1.46 -8.97
N GLY A 654 20.14 -2.20 -10.06
CA GLY A 654 18.96 -2.75 -10.73
C GLY A 654 18.32 -1.82 -11.74
N GLY A 655 17.51 -0.88 -11.26
CA GLY A 655 16.83 0.11 -12.10
C GLY A 655 15.80 -0.42 -13.06
N ASN A 656 15.07 -1.48 -12.71
CA ASN A 656 14.21 -2.20 -13.65
C ASN A 656 12.77 -2.31 -13.12
N TYR A 657 11.93 -3.05 -13.85
CA TYR A 657 10.55 -3.32 -13.49
C TYR A 657 10.33 -4.79 -13.16
N TYR A 658 9.19 -5.07 -12.52
CA TYR A 658 8.63 -6.42 -12.46
C TYR A 658 7.11 -6.30 -12.24
N ALA A 659 6.43 -7.44 -12.24
CA ALA A 659 4.97 -7.48 -12.26
C ALA A 659 4.40 -7.46 -10.85
N GLY A 660 3.08 -7.31 -10.77
CA GLY A 660 2.45 -7.10 -9.48
C GLY A 660 0.94 -7.04 -9.53
N THR A 661 0.32 -7.58 -8.50
CA THR A 661 -1.11 -7.83 -8.52
C THR A 661 -1.81 -7.19 -7.34
N SER A 662 -1.06 -6.42 -6.54
CA SER A 662 -1.54 -5.77 -5.33
C SER A 662 -2.36 -4.55 -5.73
N SER A 663 -3.60 -4.80 -6.16
CA SER A 663 -4.40 -3.77 -6.81
C SER A 663 -5.46 -3.15 -5.89
N ILE A 664 -5.34 -3.30 -4.57
CA ILE A 664 -6.32 -2.76 -3.63
C ILE A 664 -7.73 -2.95 -4.20
N SER A 665 -8.67 -2.09 -3.85
CA SER A 665 -10.04 -2.39 -4.25
C SER A 665 -10.34 -1.89 -5.66
N ALA A 666 -9.31 -1.81 -6.51
CA ALA A 666 -9.58 -1.28 -7.84
C ALA A 666 -10.42 -2.21 -8.70
N ASN A 667 -10.60 -3.46 -8.27
CA ASN A 667 -11.36 -4.44 -9.05
C ASN A 667 -12.80 -3.97 -9.29
N VAL A 668 -13.45 -3.41 -8.27
CA VAL A 668 -14.79 -2.82 -8.41
C VAL A 668 -14.81 -1.72 -9.46
N PRO A 669 -14.30 -0.50 -9.19
CA PRO A 669 -14.45 0.56 -10.19
C PRO A 669 -13.80 0.22 -11.49
N PHE A 670 -12.80 -0.67 -11.48
CA PHE A 670 -12.26 -1.13 -12.74
C PHE A 670 -13.28 -1.99 -13.48
N GLY A 671 -14.09 -2.76 -12.74
CA GLY A 671 -15.10 -3.54 -13.38
C GLY A 671 -16.14 -2.67 -14.07
N ALA A 672 -16.51 -1.56 -13.44
CA ALA A 672 -17.57 -0.76 -14.00
C ALA A 672 -17.21 -0.28 -15.38
N GLN A 673 -15.93 -0.27 -15.71
CA GLN A 673 -15.44 0.21 -16.98
C GLN A 673 -15.19 -0.92 -17.98
N THR A 674 -15.38 -2.16 -17.55
CA THR A 674 -15.17 -3.34 -18.38
C THR A 674 -16.54 -3.93 -18.76
N MET A 675 -16.76 -4.08 -20.08
CA MET A 675 -18.00 -4.64 -20.60
C MET A 675 -18.07 -6.16 -20.36
N ALA A 676 -19.23 -6.76 -20.66
CA ALA A 676 -19.38 -8.20 -20.48
C ALA A 676 -18.17 -8.94 -21.04
N THR A 677 -17.79 -10.01 -20.36
CA THR A 677 -16.58 -10.75 -20.68
C THR A 677 -16.86 -12.23 -20.82
N PRO A 678 -16.06 -12.93 -21.63
CA PRO A 678 -16.41 -14.30 -22.03
C PRO A 678 -16.44 -15.31 -20.89
N ASP A 679 -15.91 -14.98 -19.70
CA ASP A 679 -16.00 -15.92 -18.58
C ASP A 679 -17.40 -15.98 -17.99
N GLY A 680 -18.36 -15.27 -18.57
CA GLY A 680 -19.69 -15.19 -18.02
C GLY A 680 -19.96 -13.98 -17.16
N ARG A 681 -18.94 -13.17 -16.88
CA ARG A 681 -19.14 -11.95 -16.09
C ARG A 681 -19.95 -10.95 -16.89
N LYS A 682 -20.91 -10.31 -16.21
CA LYS A 682 -21.75 -9.27 -16.81
C LYS A 682 -21.05 -7.92 -16.79
N ALA A 683 -21.55 -7.00 -17.60
CA ALA A 683 -20.94 -5.67 -17.72
C ALA A 683 -21.03 -4.90 -16.41
N HIS A 684 -19.92 -4.26 -16.04
CA HIS A 684 -19.84 -3.30 -14.95
C HIS A 684 -19.67 -3.99 -13.59
N THR A 685 -20.10 -5.24 -13.49
CA THR A 685 -19.86 -5.97 -12.25
C THR A 685 -18.37 -5.99 -11.94
N PRO A 686 -18.00 -6.37 -10.72
CA PRO A 686 -16.59 -6.28 -10.33
C PRO A 686 -15.72 -7.33 -11.01
N LEU A 687 -14.46 -6.98 -11.16
CA LEU A 687 -13.43 -7.93 -11.54
C LEU A 687 -13.05 -8.75 -10.31
N ALA A 688 -11.97 -9.52 -10.39
CA ALA A 688 -11.43 -10.20 -9.22
C ALA A 688 -10.23 -9.42 -8.68
N GLU A 689 -10.21 -9.26 -7.36
CA GLU A 689 -9.15 -8.53 -6.69
C GLU A 689 -7.89 -9.37 -6.59
N GLY A 690 -6.76 -8.76 -6.93
CA GLY A 690 -5.48 -9.42 -6.77
C GLY A 690 -5.37 -10.62 -7.69
N ALA A 691 -4.72 -11.66 -7.19
CA ALA A 691 -4.68 -12.92 -7.91
C ALA A 691 -5.64 -13.94 -7.30
N SER A 692 -6.63 -13.48 -6.57
CA SER A 692 -7.56 -14.41 -5.98
C SER A 692 -8.45 -15.02 -7.05
N PRO A 693 -9.05 -16.16 -6.77
CA PRO A 693 -10.05 -16.70 -7.69
C PRO A 693 -11.23 -15.74 -7.78
N ALA A 694 -11.86 -15.70 -8.95
CA ALA A 694 -13.11 -14.97 -9.07
C ALA A 694 -14.15 -15.50 -8.10
N SER A 695 -14.83 -14.61 -7.39
CA SER A 695 -15.72 -15.01 -6.31
C SER A 695 -16.74 -16.06 -6.75
N GLY A 696 -16.81 -17.14 -5.97
CA GLY A 696 -17.85 -18.15 -6.14
C GLY A 696 -17.59 -19.22 -7.18
N THR A 697 -16.40 -19.25 -7.78
CA THR A 697 -16.04 -20.24 -8.77
C THR A 697 -15.09 -21.32 -8.26
N ASP A 698 -14.73 -21.28 -6.98
CA ASP A 698 -13.74 -22.19 -6.42
C ASP A 698 -14.48 -23.16 -5.49
N HIS A 699 -14.73 -24.38 -5.97
CA HIS A 699 -15.65 -25.30 -5.33
C HIS A 699 -14.97 -26.52 -4.71
N LEU A 700 -13.66 -26.65 -4.85
CA LEU A 700 -12.92 -27.79 -4.33
C LEU A 700 -12.01 -27.40 -3.15
N GLY A 701 -12.36 -26.31 -2.45
CA GLY A 701 -11.76 -25.97 -1.18
C GLY A 701 -10.38 -25.31 -1.21
N PRO A 702 -9.86 -25.00 -0.03
CA PRO A 702 -8.70 -24.10 0.07
C PRO A 702 -7.38 -24.66 -0.42
N THR A 703 -7.11 -25.96 -0.21
CA THR A 703 -5.89 -26.56 -0.74
C THR A 703 -5.87 -26.58 -2.27
N ALA A 704 -7.05 -26.61 -2.90
CA ALA A 704 -7.11 -26.48 -4.36
C ALA A 704 -6.89 -25.03 -4.79
N VAL A 705 -7.36 -24.08 -3.99
CA VAL A 705 -7.12 -22.68 -4.28
C VAL A 705 -5.63 -22.39 -4.29
N ILE A 706 -4.92 -22.71 -3.19
CA ILE A 706 -3.49 -22.44 -3.13
C ILE A 706 -2.74 -23.17 -4.23
N GLY A 707 -3.23 -24.34 -4.62
CA GLY A 707 -2.64 -25.00 -5.78
C GLY A 707 -2.69 -24.11 -7.01
N SER A 708 -3.89 -23.63 -7.36
CA SER A 708 -4.02 -22.75 -8.53
C SER A 708 -3.11 -21.55 -8.40
N VAL A 709 -3.20 -20.82 -7.29
CA VAL A 709 -2.41 -19.60 -7.12
C VAL A 709 -0.93 -19.88 -7.28
N GLY A 710 -0.42 -20.94 -6.66
CA GLY A 710 1.00 -21.21 -6.74
C GLY A 710 1.55 -21.52 -8.13
N LYS A 711 0.70 -21.65 -9.14
CA LYS A 711 1.17 -21.95 -10.49
C LYS A 711 1.57 -20.71 -11.27
N LEU A 712 1.19 -19.51 -10.79
CA LEU A 712 1.56 -18.25 -11.42
C LEU A 712 3.06 -18.06 -11.33
N PRO A 713 3.64 -17.31 -12.26
CA PRO A 713 5.10 -17.09 -12.24
C PRO A 713 5.56 -16.19 -11.09
N THR A 714 5.53 -16.73 -9.86
CA THR A 714 5.66 -15.91 -8.65
C THR A 714 6.94 -15.08 -8.67
N ALA A 715 8.03 -15.66 -9.20
CA ALA A 715 9.36 -15.04 -9.10
C ALA A 715 9.45 -13.76 -9.91
N ALA A 716 8.76 -13.70 -11.03
CA ALA A 716 8.73 -12.47 -11.80
C ALA A 716 7.72 -11.46 -11.27
N ILE A 717 6.89 -11.84 -10.29
CA ILE A 717 5.81 -10.99 -9.78
C ILE A 717 6.12 -10.45 -8.39
N LEU A 718 7.33 -9.94 -8.20
CA LEU A 718 7.79 -9.38 -6.93
C LEU A 718 7.09 -8.06 -6.52
N GLY A 719 6.06 -7.66 -7.24
CA GLY A 719 5.15 -6.69 -6.68
C GLY A 719 4.11 -7.29 -5.78
N GLY A 720 4.19 -8.62 -5.56
CA GLY A 720 3.25 -9.34 -4.72
C GLY A 720 2.15 -10.05 -5.48
N VAL A 721 1.84 -11.28 -5.06
CA VAL A 721 0.70 -12.06 -5.57
C VAL A 721 -0.32 -12.07 -4.45
N LEU A 722 -1.40 -11.31 -4.59
CA LEU A 722 -2.32 -11.16 -3.48
C LEU A 722 -3.34 -12.30 -3.47
N LEU A 723 -3.59 -12.86 -2.27
CA LEU A 723 -4.53 -13.97 -2.12
C LEU A 723 -5.40 -13.75 -0.88
N ASN A 724 -6.71 -13.66 -1.09
CA ASN A 724 -7.67 -13.61 0.01
C ASN A 724 -8.34 -14.96 0.23
N GLN A 725 -8.49 -15.33 1.49
CA GLN A 725 -9.29 -16.47 1.88
C GLN A 725 -10.21 -16.02 3.00
N LYS A 726 -11.43 -16.57 3.02
CA LYS A 726 -12.40 -16.29 4.06
C LYS A 726 -12.92 -17.59 4.66
N LEU A 727 -12.86 -17.70 5.99
CA LEU A 727 -13.39 -18.82 6.75
C LEU A 727 -14.46 -18.33 7.72
N ASN A 728 -15.34 -19.35 8.22
CA ASN A 728 -16.28 -18.98 9.27
C ASN A 728 -15.65 -19.17 10.65
N PRO A 729 -16.02 -18.35 11.64
CA PRO A 729 -15.39 -18.48 12.96
C PRO A 729 -15.50 -19.87 13.56
N ALA A 730 -16.59 -20.61 13.29
CA ALA A 730 -16.72 -21.97 13.84
C ALA A 730 -15.83 -22.99 13.12
N THR A 731 -15.39 -22.67 11.89
CA THR A 731 -14.47 -23.54 11.17
C THR A 731 -13.07 -23.55 11.77
N LEU A 732 -12.67 -22.46 12.41
CA LEU A 732 -11.33 -22.32 12.98
C LEU A 732 -11.47 -22.09 14.49
N GLU A 733 -11.71 -23.16 15.23
CA GLU A 733 -12.25 -23.02 16.58
C GLU A 733 -11.54 -23.89 17.62
N ASN A 734 -11.42 -25.18 17.33
CA ASN A 734 -10.70 -26.15 18.16
C ASN A 734 -9.20 -26.12 17.82
N GLU A 735 -8.39 -26.74 18.69
CA GLU A 735 -6.98 -26.92 18.36
C GLU A 735 -6.78 -27.85 17.19
N SER A 736 -7.73 -28.75 16.92
CA SER A 736 -7.66 -29.61 15.74
C SER A 736 -7.86 -28.80 14.46
N ASP A 737 -8.64 -27.72 14.53
CA ASP A 737 -8.79 -26.85 13.38
C ASP A 737 -7.57 -25.98 13.19
N LYS A 738 -6.88 -25.61 14.27
CA LYS A 738 -5.72 -24.76 14.14
C LYS A 738 -4.61 -25.46 13.37
N GLN A 739 -4.36 -26.73 13.69
CA GLN A 739 -3.35 -27.47 12.94
C GLN A 739 -3.70 -27.57 11.46
N LYS A 740 -4.98 -27.44 11.11
CA LYS A 740 -5.36 -27.48 9.70
C LYS A 740 -4.89 -26.22 8.97
N LEU A 741 -5.16 -25.04 9.54
CA LEU A 741 -4.62 -23.82 8.99
C LEU A 741 -3.08 -23.87 8.89
N MET A 742 -2.41 -24.36 9.94
CA MET A 742 -0.95 -24.35 9.94
C MET A 742 -0.38 -25.26 8.87
N ILE A 743 -0.93 -26.45 8.70
CA ILE A 743 -0.37 -27.29 7.66
C ILE A 743 -0.69 -26.69 6.30
N LEU A 744 -1.81 -25.95 6.19
CA LEU A 744 -2.14 -25.27 4.94
C LEU A 744 -1.12 -24.19 4.61
N LEU A 745 -0.75 -23.37 5.59
CA LEU A 745 0.26 -22.35 5.37
C LEU A 745 1.60 -22.98 5.03
N ARG A 746 2.13 -23.80 5.95
CA ARG A 746 3.42 -24.43 5.73
C ARG A 746 3.49 -25.11 4.36
N THR A 747 2.35 -25.53 3.83
CA THR A 747 2.40 -26.15 2.52
C THR A 747 2.37 -25.10 1.41
N PHE A 748 1.61 -24.03 1.60
CA PHE A 748 1.67 -22.92 0.65
C PHE A 748 3.11 -22.46 0.46
N PHE A 749 3.78 -22.13 1.56
CA PHE A 749 5.03 -21.38 1.47
C PHE A 749 6.20 -22.27 1.16
N GLU A 750 6.15 -23.52 1.61
CA GLU A 750 7.31 -24.37 1.36
C GLU A 750 7.16 -25.18 0.09
N VAL A 751 6.01 -25.81 -0.12
CA VAL A 751 5.88 -26.67 -1.30
C VAL A 751 5.53 -25.83 -2.51
N HIS A 752 4.56 -24.92 -2.37
CA HIS A 752 4.09 -24.12 -3.51
C HIS A 752 4.86 -22.83 -3.73
N LYS A 753 5.54 -22.32 -2.71
CA LYS A 753 6.35 -21.11 -2.90
C LYS A 753 5.44 -19.90 -3.09
N GLY A 754 4.48 -19.75 -2.19
CA GLY A 754 3.48 -18.71 -2.33
C GLY A 754 3.96 -17.38 -1.83
N TRP A 755 3.35 -16.33 -2.37
CA TRP A 755 3.75 -14.99 -1.95
C TRP A 755 3.11 -14.63 -0.62
N HIS A 756 1.81 -14.85 -0.49
CA HIS A 756 1.11 -14.23 0.61
C HIS A 756 -0.26 -14.86 0.76
N ILE A 757 -0.79 -14.83 1.98
CA ILE A 757 -2.18 -15.22 2.25
C ILE A 757 -2.64 -14.45 3.48
N GLN A 758 -3.89 -14.05 3.47
CA GLN A 758 -4.48 -13.35 4.60
C GLN A 758 -5.90 -13.84 4.72
N TYR A 759 -6.39 -13.91 5.96
CA TYR A 759 -7.66 -14.56 6.22
C TYR A 759 -8.69 -13.57 6.72
N ASN A 760 -9.93 -13.81 6.32
CA ASN A 760 -11.10 -13.20 6.95
C ASN A 760 -11.77 -14.29 7.76
N ILE A 761 -11.69 -14.20 9.08
CA ILE A 761 -12.46 -15.06 9.95
C ILE A 761 -13.71 -14.34 10.38
N VAL A 762 -14.73 -14.32 9.52
CA VAL A 762 -15.98 -13.66 9.85
C VAL A 762 -17.13 -14.56 9.42
N SER A 763 -18.28 -14.37 10.06
CA SER A 763 -19.48 -15.08 9.64
C SER A 763 -20.32 -14.21 8.73
N ARG A 764 -21.04 -14.86 7.81
CA ARG A 764 -21.75 -14.12 6.77
C ARG A 764 -22.93 -13.33 7.32
N GLU A 765 -23.44 -13.67 8.51
CA GLU A 765 -24.52 -12.87 9.09
C GLU A 765 -23.98 -11.63 9.79
N THR A 766 -22.76 -11.70 10.35
CA THR A 766 -22.17 -10.55 11.00
C THR A 766 -21.89 -9.41 10.01
N LEU A 767 -21.35 -9.74 8.83
CA LEU A 767 -21.23 -8.76 7.78
C LEU A 767 -22.58 -8.14 7.44
N LEU A 768 -23.65 -8.90 7.60
CA LEU A 768 -24.97 -8.45 7.15
C LEU A 768 -25.70 -7.65 8.22
N ASP A 769 -25.44 -7.91 9.50
CA ASP A 769 -25.99 -7.04 10.53
C ASP A 769 -25.25 -5.71 10.60
N ALA A 770 -23.97 -5.68 10.25
CA ALA A 770 -23.24 -4.41 10.28
C ALA A 770 -23.53 -3.55 9.06
N LYS A 771 -23.83 -4.17 7.92
CA LYS A 771 -24.37 -3.39 6.81
C LYS A 771 -25.67 -2.70 7.21
N LYS A 772 -26.42 -3.29 8.15
CA LYS A 772 -27.78 -2.84 8.48
C LYS A 772 -27.80 -1.90 9.68
N HIS A 773 -27.25 -2.32 10.83
CA HIS A 773 -27.11 -1.51 12.05
C HIS A 773 -25.67 -1.02 12.19
N PRO A 774 -25.23 -0.05 11.38
CA PRO A 774 -23.83 0.37 11.51
C PRO A 774 -23.45 0.67 12.95
N ASP A 775 -24.39 1.21 13.72
CA ASP A 775 -24.06 1.96 14.92
C ASP A 775 -23.57 1.07 16.07
N GLN A 776 -23.88 -0.24 16.06
CA GLN A 776 -23.35 -1.16 17.05
C GLN A 776 -22.23 -2.02 16.50
N TYR A 777 -21.64 -1.64 15.36
CA TYR A 777 -20.59 -2.42 14.74
C TYR A 777 -19.39 -1.56 14.32
N ARG A 778 -19.19 -0.38 14.94
CA ARG A 778 -18.26 0.60 14.36
C ARG A 778 -16.80 0.31 14.68
N ASP A 779 -16.47 -0.86 15.22
CA ASP A 779 -15.07 -1.27 15.42
C ASP A 779 -14.82 -2.64 14.80
N LEU A 780 -15.79 -3.17 14.05
CA LEU A 780 -15.64 -4.41 13.30
C LEU A 780 -14.63 -4.20 12.19
N VAL A 781 -13.57 -5.00 12.19
CA VAL A 781 -12.55 -4.94 11.15
C VAL A 781 -12.75 -6.16 10.27
N VAL A 782 -12.76 -5.93 8.95
CA VAL A 782 -12.74 -6.98 7.93
C VAL A 782 -11.60 -6.67 6.99
N ARG A 783 -11.08 -7.72 6.34
CA ARG A 783 -9.92 -7.60 5.47
C ARG A 783 -10.37 -7.43 4.02
N VAL A 784 -9.84 -6.39 3.35
CA VAL A 784 -10.23 -6.04 1.99
C VAL A 784 -9.34 -6.74 0.97
N ALA A 785 -8.07 -6.36 0.92
CA ALA A 785 -7.14 -6.89 -0.08
C ALA A 785 -5.78 -6.23 0.04
N GLY A 786 -4.88 -6.80 0.84
CA GLY A 786 -3.63 -6.19 1.17
C GLY A 786 -3.62 -5.49 2.52
N TYR A 787 -4.80 -5.19 3.07
CA TYR A 787 -4.92 -4.37 4.26
C TYR A 787 -6.27 -4.65 4.89
N SER A 788 -6.48 -4.08 6.08
CA SER A 788 -7.72 -4.17 6.82
C SER A 788 -8.49 -2.86 6.74
N ALA A 789 -9.82 -2.95 6.94
CA ALA A 789 -10.69 -1.80 6.94
C ALA A 789 -11.71 -1.90 8.08
N PHE A 790 -12.25 -0.76 8.47
CA PHE A 790 -13.43 -0.74 9.32
C PHE A 790 -14.65 -0.96 8.43
N PHE A 791 -15.42 -2.02 8.72
CA PHE A 791 -16.42 -2.47 7.77
C PHE A 791 -17.49 -1.41 7.53
N THR A 792 -17.95 -0.75 8.59
CA THR A 792 -18.99 0.26 8.43
C THR A 792 -18.53 1.45 7.59
N ALA A 793 -17.24 1.53 7.32
CA ALA A 793 -16.68 2.66 6.60
C ALA A 793 -16.66 2.45 5.10
N LEU A 794 -16.63 1.19 4.68
CA LEU A 794 -16.63 0.92 3.25
C LEU A 794 -18.00 1.20 2.65
N SER A 795 -18.01 1.62 1.37
CA SER A 795 -19.27 1.81 0.67
C SER A 795 -20.05 0.50 0.62
N PRO A 796 -21.20 0.43 -0.04
CA PRO A 796 -21.88 -0.87 -0.19
C PRO A 796 -21.35 -1.70 -1.36
N ASP A 797 -20.94 -1.05 -2.44
CA ASP A 797 -20.14 -1.73 -3.46
C ASP A 797 -18.97 -2.44 -2.81
N ALA A 798 -18.17 -1.69 -2.06
CA ALA A 798 -17.09 -2.31 -1.31
C ALA A 798 -17.62 -3.39 -0.38
N GLN A 799 -18.74 -3.12 0.30
CA GLN A 799 -19.23 -4.02 1.34
C GLN A 799 -19.59 -5.37 0.75
N ASP A 800 -20.16 -5.39 -0.45
CA ASP A 800 -20.73 -6.62 -1.01
C ASP A 800 -19.71 -7.43 -1.80
N ASP A 801 -18.74 -6.79 -2.45
CA ASP A 801 -17.60 -7.54 -2.94
C ASP A 801 -17.06 -8.44 -1.84
N ILE A 802 -17.12 -7.96 -0.59
CA ILE A 802 -16.58 -8.72 0.53
C ILE A 802 -17.60 -9.75 1.02
N ILE A 803 -18.89 -9.49 0.83
CA ILE A 803 -19.88 -10.50 1.20
C ILE A 803 -19.98 -11.60 0.14
N ALA A 804 -19.57 -11.32 -1.10
CA ALA A 804 -19.68 -12.27 -2.18
C ALA A 804 -18.58 -13.32 -2.18
N ARG A 805 -17.46 -13.06 -1.52
CA ARG A 805 -16.34 -13.97 -1.60
C ARG A 805 -16.73 -15.35 -1.07
N THR A 806 -15.99 -16.37 -1.56
CA THR A 806 -16.19 -17.75 -1.13
C THR A 806 -15.93 -17.92 0.36
N GLU A 807 -16.77 -18.74 1.01
CA GLU A 807 -16.54 -19.19 2.39
C GLU A 807 -16.10 -20.66 2.37
N HIS A 808 -14.87 -20.91 2.80
CA HIS A 808 -14.26 -22.23 2.68
C HIS A 808 -14.32 -22.99 4.01
N MET A 809 -14.22 -24.32 3.88
CA MET A 809 -14.02 -25.26 4.98
C MET A 809 -12.58 -25.76 4.98
N LEU A 810 -12.09 -26.13 6.15
CA LEU A 810 -10.67 -26.50 6.29
C LEU A 810 -10.40 -28.00 6.10
#